data_8TMS
#
_entry.id   8TMS
#
_cell.length_a   48.638
_cell.length_b   76.282
_cell.length_c   96.779
_cell.angle_alpha   98.36
_cell.angle_beta   104.16
_cell.angle_gamma   90.05
#
_symmetry.space_group_name_H-M   'P 1'
#
loop_
_entity.id
_entity.type
_entity.pdbx_description
1 polymer Pectinesterase
2 non-polymer 'CHLORIDE ION'
3 non-polymer 1,2-ETHANEDIOL
4 water water
#
_entity_poly.entity_id   1
_entity_poly.type   'polypeptide(L)'
_entity_poly.pdbx_seq_one_letter_code
;MGSSHHHHHHSSGLVPRGSHMLEMKKIFFSNGTHYQKLYFDEEYYKNNNVTDNSLHIKGAGMDVTTISWSDGGFDKAPDD
KGIKLGTFRSYTMFVSGNEAIIEDLTIENTAGDGRIRGQAIALYADASKVTCRRVHLKGHQDTLFMSPLPLTEREKGGFI
GPRENSPRLMTTQYYEDCIIEGDVDFIFGGANAVFKNCTIVSLYRAPLIDKNTISKEKAADYTDVPVQGFVCAPCTPEDE
PGIRFIDCRFITDRCPDSSVYLARPWREKGAASFENCSFGSHIHPDLFAGWKDIYDLEKTARFKNL
;
_entity_poly.pdbx_strand_id   A,B,C,D
#
loop_
_chem_comp.id
_chem_comp.type
_chem_comp.name
_chem_comp.formula
CL non-polymer 'CHLORIDE ION' 'Cl -1'
EDO non-polymer 1,2-ETHANEDIOL 'C2 H6 O2'
#
# COMPACT_ATOMS: atom_id res chain seq x y z
N SER A 19 -9.66 -0.30 -21.36
CA SER A 19 -11.09 0.13 -21.34
C SER A 19 -11.30 1.47 -20.62
N HIS A 20 -11.41 1.55 -19.28
CA HIS A 20 -11.75 2.82 -18.65
C HIS A 20 -10.98 3.05 -17.35
N MET A 21 -10.87 4.32 -16.95
CA MET A 21 -10.24 4.74 -15.70
C MET A 21 -11.33 5.24 -14.76
N LEU A 22 -11.13 5.06 -13.45
CA LEU A 22 -12.09 5.50 -12.44
C LEU A 22 -11.36 6.18 -11.29
N GLU A 23 -11.91 7.28 -10.79
CA GLU A 23 -11.28 7.97 -9.62
C GLU A 23 -11.60 7.22 -8.34
N MET A 24 -10.60 6.98 -7.50
CA MET A 24 -10.78 6.23 -6.27
C MET A 24 -10.68 7.21 -5.11
N LYS A 25 -11.19 6.80 -3.96
CA LYS A 25 -11.28 7.71 -2.83
C LYS A 25 -10.07 7.49 -1.95
N LYS A 26 -9.22 8.51 -1.82
CA LYS A 26 -8.06 8.45 -0.94
C LYS A 26 -8.00 9.79 -0.19
N ILE A 27 -7.92 9.72 1.14
CA ILE A 27 -7.97 10.90 1.98
C ILE A 27 -6.71 11.02 2.83
N PHE A 28 -6.13 12.21 2.81
CA PHE A 28 -5.01 12.52 3.67
C PHE A 28 -5.48 13.25 4.93
N PHE A 29 -5.01 12.79 6.07
CA PHE A 29 -5.28 13.46 7.34
C PHE A 29 -4.00 14.15 7.78
N SER A 30 -4.05 15.48 7.86
CA SER A 30 -2.89 16.29 8.21
C SER A 30 -2.30 15.82 9.54
N ASN A 31 -1.07 16.26 9.80
CA ASN A 31 -0.53 16.12 11.14
C ASN A 31 -1.48 16.85 12.10
N GLY A 32 -1.53 16.39 13.35
CA GLY A 32 -2.47 16.91 14.34
C GLY A 32 -3.48 15.84 14.77
N THR A 33 -4.34 16.21 15.73
CA THR A 33 -5.42 15.35 16.19
C THR A 33 -6.71 15.79 15.49
N HIS A 34 -7.43 14.84 14.89
CA HIS A 34 -8.74 15.08 14.31
C HIS A 34 -9.80 14.43 15.21
N TYR A 35 -10.59 15.24 15.92
CA TYR A 35 -11.59 14.76 16.86
C TYR A 35 -12.89 14.54 16.11
N GLN A 36 -13.17 13.31 15.69
CA GLN A 36 -14.46 13.03 15.07
C GLN A 36 -14.72 11.54 15.01
N LYS A 37 -16.01 11.22 14.94
CA LYS A 37 -16.47 9.85 14.80
C LYS A 37 -16.68 9.62 13.32
N LEU A 38 -15.87 8.76 12.73
CA LEU A 38 -15.88 8.55 11.30
C LEU A 38 -16.70 7.31 11.00
N TYR A 39 -17.69 7.46 10.14
CA TYR A 39 -18.59 6.37 9.75
C TYR A 39 -18.62 6.24 8.23
N PHE A 40 -17.75 5.35 7.72
CA PHE A 40 -17.58 5.14 6.30
C PHE A 40 -18.44 3.95 5.85
N ASP A 41 -19.72 4.24 5.59
CA ASP A 41 -20.75 3.24 5.34
C ASP A 41 -21.22 3.36 3.89
N GLU A 42 -22.30 2.62 3.54
CA GLU A 42 -22.91 2.70 2.23
C GLU A 42 -23.35 4.11 1.86
N GLU A 43 -23.99 4.83 2.81
CA GLU A 43 -24.49 6.18 2.57
C GLU A 43 -23.33 7.12 2.18
N TYR A 44 -22.16 6.99 2.85
CA TYR A 44 -20.98 7.81 2.57
C TYR A 44 -20.51 7.58 1.13
N TYR A 45 -20.47 6.30 0.71
CA TYR A 45 -19.97 5.95 -0.59
C TYR A 45 -20.93 6.44 -1.69
N LYS A 46 -22.24 6.32 -1.48
CA LYS A 46 -23.19 6.77 -2.47
C LYS A 46 -23.11 8.29 -2.61
N ASN A 47 -22.98 9.01 -1.50
CA ASN A 47 -22.98 10.47 -1.53
C ASN A 47 -21.65 11.03 -2.07
N ASN A 48 -20.55 10.27 -2.00
CA ASN A 48 -19.28 10.74 -2.52
C ASN A 48 -18.94 10.01 -3.82
N ASN A 49 -19.93 9.34 -4.40
CA ASN A 49 -19.80 8.71 -5.70
C ASN A 49 -18.61 7.77 -5.74
N VAL A 50 -18.38 7.02 -4.67
CA VAL A 50 -17.33 6.01 -4.64
C VAL A 50 -17.93 4.69 -5.12
N THR A 51 -17.89 4.45 -6.42
CA THR A 51 -18.72 3.39 -7.01
C THR A 51 -18.13 2.01 -6.69
N ASP A 52 -16.88 1.96 -6.23
CA ASP A 52 -16.19 0.73 -5.88
C ASP A 52 -16.18 0.51 -4.36
N ASN A 53 -16.87 1.37 -3.61
CA ASN A 53 -17.09 1.19 -2.18
C ASN A 53 -15.80 0.82 -1.44
N SER A 54 -14.75 1.60 -1.70
CA SER A 54 -13.44 1.32 -1.17
C SER A 54 -12.82 2.62 -0.71
N LEU A 55 -12.01 2.53 0.34
CA LEU A 55 -11.49 3.72 0.97
C LEU A 55 -10.02 3.51 1.30
N HIS A 56 -9.23 4.54 1.03
CA HIS A 56 -7.84 4.57 1.43
C HIS A 56 -7.66 5.82 2.28
N ILE A 57 -7.18 5.64 3.51
CA ILE A 57 -6.84 6.80 4.32
C ILE A 57 -5.36 6.74 4.70
N LYS A 58 -4.81 7.96 4.70
CA LYS A 58 -3.39 8.17 4.87
C LYS A 58 -3.21 9.32 5.86
N GLY A 59 -2.28 9.16 6.79
CA GLY A 59 -1.83 10.26 7.61
C GLY A 59 -0.38 10.66 7.30
N ALA A 60 0.12 11.58 8.15
CA ALA A 60 1.44 12.17 8.03
C ALA A 60 2.47 11.37 8.81
N GLY A 61 2.06 10.20 9.32
CA GLY A 61 2.94 9.41 10.17
C GLY A 61 2.17 8.79 11.34
N MET A 62 2.64 7.61 11.74
CA MET A 62 1.93 6.79 12.69
C MET A 62 1.55 7.59 13.93
N ASP A 63 2.41 8.49 14.44
CA ASP A 63 1.91 9.18 15.63
C ASP A 63 1.82 10.68 15.43
N VAL A 64 2.09 11.18 14.22
CA VAL A 64 2.02 12.61 14.01
C VAL A 64 0.60 12.97 13.59
N THR A 65 -0.16 11.98 13.07
CA THR A 65 -1.57 12.15 12.76
C THR A 65 -2.41 11.25 13.67
N THR A 66 -3.44 11.82 14.30
CA THR A 66 -4.28 11.08 15.23
C THR A 66 -5.76 11.33 14.96
N ILE A 67 -6.52 10.25 14.75
CA ILE A 67 -7.97 10.30 14.68
C ILE A 67 -8.54 9.87 16.03
N SER A 68 -9.41 10.69 16.59
CA SER A 68 -9.72 10.58 18.01
C SER A 68 -11.20 10.85 18.31
N TRP A 69 -11.77 9.97 19.14
CA TRP A 69 -13.09 10.14 19.73
C TRP A 69 -13.13 9.31 21.03
N SER A 70 -14.24 9.37 21.76
CA SER A 70 -14.26 8.89 23.13
C SER A 70 -15.64 8.36 23.55
N ASP A 71 -16.36 7.69 22.62
CA ASP A 71 -17.63 7.05 22.95
C ASP A 71 -17.36 5.69 23.60
N GLY A 72 -18.14 5.36 24.64
CA GLY A 72 -18.01 4.08 25.35
C GLY A 72 -19.34 3.34 25.43
N GLY A 73 -19.25 2.01 25.49
CA GLY A 73 -20.44 1.16 25.44
C GLY A 73 -21.41 1.43 26.58
N PHE A 74 -20.93 1.92 27.74
CA PHE A 74 -21.81 2.13 28.88
C PHE A 74 -22.44 3.51 28.85
N ASP A 75 -22.14 4.33 27.83
CA ASP A 75 -22.71 5.67 27.77
C ASP A 75 -24.22 5.61 27.57
N LYS A 76 -24.92 6.74 27.75
CA LYS A 76 -26.35 6.81 27.44
C LYS A 76 -26.57 6.41 25.98
N ALA A 77 -27.71 5.77 25.71
CA ALA A 77 -28.12 5.49 24.35
C ALA A 77 -28.39 6.82 23.65
N PRO A 78 -27.92 7.02 22.41
CA PRO A 78 -28.16 8.27 21.70
C PRO A 78 -29.55 8.34 21.07
N ASP A 79 -30.30 7.23 21.12
CA ASP A 79 -31.62 7.17 20.51
C ASP A 79 -32.47 6.13 21.24
N ASP A 80 -33.62 5.81 20.62
CA ASP A 80 -34.60 4.90 21.20
C ASP A 80 -34.10 3.46 21.15
N LYS A 81 -32.86 3.24 20.68
CA LYS A 81 -32.39 1.89 20.43
C LYS A 81 -31.40 1.53 21.56
N GLY A 82 -31.72 0.48 22.31
CA GLY A 82 -30.86 -0.01 23.36
C GLY A 82 -31.07 0.75 24.67
N ILE A 83 -30.45 0.24 25.73
CA ILE A 83 -30.48 0.85 27.06
C ILE A 83 -29.17 1.61 27.32
N LYS A 84 -28.25 1.54 26.35
CA LYS A 84 -26.93 2.12 26.45
C LYS A 84 -26.37 2.21 25.05
N LEU A 85 -25.24 2.92 24.91
CA LEU A 85 -24.70 3.17 23.59
C LEU A 85 -24.35 1.84 22.92
N GLY A 86 -23.61 0.99 23.66
CA GLY A 86 -23.26 -0.35 23.22
C GLY A 86 -21.87 -0.41 22.60
N THR A 87 -21.25 -1.57 22.77
CA THR A 87 -19.96 -1.88 22.18
C THR A 87 -19.86 -1.44 20.71
N PHE A 88 -20.83 -1.86 19.90
CA PHE A 88 -20.67 -1.80 18.46
C PHE A 88 -21.20 -0.47 17.93
N ARG A 89 -21.63 0.41 18.83
CA ARG A 89 -21.77 1.80 18.45
C ARG A 89 -20.69 2.68 19.08
N SER A 90 -19.66 2.08 19.71
CA SER A 90 -18.66 2.86 20.44
C SER A 90 -17.51 3.41 19.56
N TYR A 91 -17.46 3.00 18.28
CA TYR A 91 -16.25 3.08 17.46
C TYR A 91 -15.84 4.56 17.26
N THR A 92 -14.53 4.81 17.24
CA THR A 92 -14.02 6.06 16.72
C THR A 92 -14.09 6.07 15.20
N MET A 93 -13.71 4.95 14.55
CA MET A 93 -13.84 4.83 13.11
C MET A 93 -14.49 3.51 12.76
N PHE A 94 -15.52 3.58 11.92
CA PHE A 94 -16.09 2.40 11.27
C PHE A 94 -15.77 2.47 9.77
N VAL A 95 -15.30 1.37 9.20
CA VAL A 95 -15.14 1.34 7.76
C VAL A 95 -15.69 0.03 7.18
N SER A 96 -16.47 0.15 6.10
CA SER A 96 -17.03 -1.00 5.40
CA SER A 96 -17.03 -1.00 5.40
C SER A 96 -16.70 -0.92 3.90
N GLY A 97 -17.34 -1.78 3.10
CA GLY A 97 -17.19 -1.76 1.66
C GLY A 97 -16.35 -2.94 1.19
N ASN A 98 -15.79 -2.84 -0.01
CA ASN A 98 -15.03 -3.94 -0.57
C ASN A 98 -13.61 -3.94 -0.01
N GLU A 99 -13.03 -2.76 0.16
CA GLU A 99 -11.65 -2.68 0.60
C GLU A 99 -11.40 -1.40 1.38
N ALA A 100 -10.59 -1.53 2.43
CA ALA A 100 -10.16 -0.38 3.21
C ALA A 100 -8.66 -0.48 3.43
N ILE A 101 -7.98 0.65 3.32
CA ILE A 101 -6.57 0.69 3.53
C ILE A 101 -6.33 1.87 4.44
N ILE A 102 -5.48 1.67 5.46
CA ILE A 102 -5.22 2.73 6.40
C ILE A 102 -3.71 2.76 6.64
N GLU A 103 -3.11 3.93 6.47
CA GLU A 103 -1.66 4.02 6.62
C GLU A 103 -1.23 5.27 7.41
N ASP A 104 -0.21 5.06 8.26
CA ASP A 104 0.60 6.15 8.82
C ASP A 104 -0.26 7.13 9.62
N LEU A 105 -1.05 6.57 10.55
CA LEU A 105 -1.77 7.40 11.50
C LEU A 105 -2.14 6.59 12.73
N THR A 106 -2.69 7.30 13.71
CA THR A 106 -3.16 6.73 14.96
C THR A 106 -4.67 6.83 14.96
N ILE A 107 -5.33 5.75 15.37
CA ILE A 107 -6.74 5.86 15.65
C ILE A 107 -6.95 5.49 17.12
N GLU A 108 -7.65 6.34 17.86
CA GLU A 108 -7.79 6.11 19.28
C GLU A 108 -9.24 6.27 19.71
N ASN A 109 -9.62 5.43 20.68
CA ASN A 109 -10.77 5.68 21.53
C ASN A 109 -10.27 6.05 22.92
N THR A 110 -10.58 7.25 23.40
CA THR A 110 -10.03 7.72 24.65
C THR A 110 -11.07 7.64 25.77
N ALA A 111 -12.11 6.83 25.62
CA ALA A 111 -13.14 6.74 26.65
C ALA A 111 -12.49 6.36 27.99
N GLY A 112 -11.69 5.29 27.95
CA GLY A 112 -10.91 4.92 29.11
C GLY A 112 -11.23 3.50 29.56
N ASP A 113 -10.84 3.25 30.82
CA ASP A 113 -11.00 1.98 31.51
C ASP A 113 -12.40 1.41 31.28
N GLY A 114 -12.45 0.16 30.83
CA GLY A 114 -13.68 -0.52 30.49
C GLY A 114 -14.58 -0.75 31.70
N ARG A 115 -13.95 -0.83 32.89
CA ARG A 115 -14.68 -0.93 34.12
C ARG A 115 -15.49 0.33 34.38
N ILE A 116 -15.24 1.44 33.69
CA ILE A 116 -15.93 2.68 34.03
C ILE A 116 -16.82 3.12 32.87
N ARG A 117 -16.31 3.01 31.64
CA ARG A 117 -16.99 3.52 30.46
C ARG A 117 -17.47 2.37 29.58
N GLY A 118 -16.99 1.16 29.88
CA GLY A 118 -17.39 -0.02 29.13
C GLY A 118 -16.48 -0.25 27.92
N GLN A 119 -16.92 -1.14 27.04
CA GLN A 119 -16.23 -1.42 25.78
C GLN A 119 -16.20 -0.16 24.92
N ALA A 120 -15.10 0.07 24.23
CA ALA A 120 -14.90 1.29 23.47
C ALA A 120 -13.93 1.04 22.30
N ILE A 121 -14.50 0.88 21.10
CA ILE A 121 -13.75 0.47 19.91
C ILE A 121 -13.02 1.68 19.31
N ALA A 122 -11.76 1.47 18.94
CA ALA A 122 -11.09 2.46 18.10
C ALA A 122 -11.48 2.21 16.64
N LEU A 123 -11.23 1.01 16.13
CA LEU A 123 -11.52 0.71 14.73
C LEU A 123 -12.53 -0.44 14.62
N TYR A 124 -13.65 -0.16 13.97
CA TYR A 124 -14.62 -1.20 13.60
C TYR A 124 -14.28 -1.51 12.14
N ALA A 125 -13.51 -2.56 11.91
CA ALA A 125 -13.01 -2.90 10.59
C ALA A 125 -13.92 -3.91 9.93
N ASP A 126 -14.79 -3.44 9.01
CA ASP A 126 -15.90 -4.22 8.49
C ASP A 126 -15.79 -4.54 7.00
N ALA A 127 -14.84 -3.90 6.29
CA ALA A 127 -14.68 -4.07 4.84
C ALA A 127 -14.20 -5.47 4.52
N SER A 128 -14.55 -6.00 3.34
CA SER A 128 -14.23 -7.38 3.00
C SER A 128 -12.73 -7.60 3.06
N LYS A 129 -11.96 -6.60 2.59
CA LYS A 129 -10.50 -6.59 2.65
C LYS A 129 -10.04 -5.38 3.43
N VAL A 130 -9.20 -5.61 4.43
CA VAL A 130 -8.68 -4.53 5.24
C VAL A 130 -7.16 -4.65 5.29
N THR A 131 -6.46 -3.55 4.98
CA THR A 131 -5.02 -3.49 5.12
C THR A 131 -4.65 -2.25 5.91
N CYS A 132 -3.87 -2.45 6.97
CA CYS A 132 -3.36 -1.37 7.79
C CYS A 132 -1.85 -1.46 7.80
N ARG A 133 -1.17 -0.37 7.41
CA ARG A 133 0.27 -0.28 7.50
C ARG A 133 0.66 0.89 8.39
N ARG A 134 1.54 0.61 9.38
CA ARG A 134 2.10 1.62 10.27
C ARG A 134 0.98 2.42 10.93
N VAL A 135 -0.02 1.69 11.45
CA VAL A 135 -1.13 2.32 12.16
C VAL A 135 -1.00 1.95 13.63
N HIS A 136 -1.30 2.94 14.49
CA HIS A 136 -1.33 2.79 15.93
C HIS A 136 -2.79 2.83 16.38
N LEU A 137 -3.27 1.70 16.92
CA LEU A 137 -4.62 1.63 17.48
C LEU A 137 -4.54 1.68 19.00
N LYS A 138 -5.28 2.61 19.60
CA LYS A 138 -5.29 2.81 21.04
C LYS A 138 -6.71 2.73 21.58
N GLY A 139 -6.85 1.89 22.59
CA GLY A 139 -7.96 1.90 23.52
C GLY A 139 -7.66 1.00 24.71
N HIS A 140 -8.73 0.55 25.40
CA HIS A 140 -8.61 -0.30 26.57
C HIS A 140 -9.31 -1.63 26.27
N GLN A 141 -10.62 -1.69 26.50
CA GLN A 141 -11.40 -2.87 26.21
C GLN A 141 -12.00 -2.79 24.80
N ASP A 142 -11.75 -3.85 23.99
CA ASP A 142 -12.27 -4.03 22.64
C ASP A 142 -11.73 -2.98 21.66
N THR A 143 -10.42 -2.72 21.71
CA THR A 143 -9.83 -1.65 20.90
C THR A 143 -10.09 -1.88 19.41
N LEU A 144 -9.74 -3.07 18.91
CA LEU A 144 -9.91 -3.37 17.50
C LEU A 144 -10.95 -4.48 17.33
N PHE A 145 -11.99 -4.17 16.56
CA PHE A 145 -12.97 -5.17 16.15
C PHE A 145 -12.95 -5.44 14.64
N MET A 146 -12.86 -6.72 14.29
CA MET A 146 -12.83 -7.19 12.90
C MET A 146 -14.08 -8.04 12.62
N SER A 147 -14.92 -7.57 11.68
CA SER A 147 -16.09 -8.31 11.29
C SER A 147 -15.70 -9.70 10.79
N PRO A 148 -16.56 -10.74 10.92
CA PRO A 148 -17.94 -10.63 11.39
C PRO A 148 -18.19 -10.78 12.89
N LEU A 149 -19.39 -10.40 13.29
CA LEU A 149 -19.96 -10.76 14.58
C LEU A 149 -20.15 -12.27 14.68
N PRO A 150 -20.16 -12.82 15.91
CA PRO A 150 -20.67 -14.16 16.18
C PRO A 150 -22.10 -14.33 15.68
N LEU A 151 -22.56 -15.59 15.58
CA LEU A 151 -23.88 -15.86 15.04
C LEU A 151 -24.97 -15.20 15.89
N THR A 152 -24.93 -15.39 17.22
CA THR A 152 -25.99 -14.93 18.09
C THR A 152 -25.42 -14.19 19.29
N GLU A 153 -26.15 -13.14 19.71
CA GLU A 153 -25.78 -12.30 20.84
C GLU A 153 -25.92 -13.14 22.11
N ARG A 154 -25.00 -12.97 23.07
CA ARG A 154 -25.11 -13.63 24.36
C ARG A 154 -25.96 -12.78 25.31
N GLU A 155 -25.87 -11.44 25.24
CA GLU A 155 -26.74 -10.56 26.00
C GLU A 155 -27.67 -9.77 25.08
N LYS A 156 -28.84 -9.42 25.60
CA LYS A 156 -29.86 -8.77 24.80
C LYS A 156 -29.29 -7.45 24.28
N GLY A 157 -29.44 -7.23 22.97
CA GLY A 157 -29.07 -5.99 22.31
C GLY A 157 -27.57 -5.84 22.13
N GLY A 158 -26.82 -6.91 22.40
CA GLY A 158 -25.37 -6.83 22.52
C GLY A 158 -24.67 -6.39 21.23
N PHE A 159 -25.37 -6.55 20.09
CA PHE A 159 -24.79 -6.27 18.79
C PHE A 159 -25.39 -5.02 18.17
N ILE A 160 -26.21 -4.26 18.90
CA ILE A 160 -26.79 -3.04 18.36
C ILE A 160 -25.65 -2.19 17.77
N GLY A 161 -25.86 -1.72 16.54
CA GLY A 161 -24.81 -1.07 15.78
C GLY A 161 -25.00 -1.25 14.28
N PRO A 162 -24.03 -0.85 13.44
CA PRO A 162 -24.21 -0.82 11.99
C PRO A 162 -24.50 -2.16 11.33
N ARG A 163 -24.08 -3.27 11.97
CA ARG A 163 -24.13 -4.58 11.34
C ARG A 163 -25.00 -5.56 12.14
N GLU A 164 -25.85 -5.02 13.01
CA GLU A 164 -26.57 -5.84 13.97
C GLU A 164 -27.40 -6.90 13.24
N ASN A 165 -28.09 -6.45 12.19
CA ASN A 165 -29.03 -7.29 11.46
C ASN A 165 -28.50 -7.57 10.04
N SER A 166 -27.27 -7.15 9.75
CA SER A 166 -26.61 -7.49 8.49
C SER A 166 -26.20 -8.96 8.51
N PRO A 167 -25.94 -9.59 7.34
CA PRO A 167 -25.40 -10.95 7.33
C PRO A 167 -24.01 -10.99 7.96
N ARG A 168 -23.63 -12.16 8.45
CA ARG A 168 -22.31 -12.36 9.03
C ARG A 168 -21.29 -12.64 7.93
N LEU A 169 -20.93 -11.61 7.16
CA LEU A 169 -19.92 -11.72 6.12
C LEU A 169 -18.51 -11.82 6.71
N MET A 170 -17.73 -12.76 6.16
CA MET A 170 -16.34 -12.92 6.48
C MET A 170 -15.52 -11.77 5.88
N THR A 171 -14.43 -11.39 6.57
CA THR A 171 -13.50 -10.39 6.08
C THR A 171 -12.10 -10.96 6.16
N THR A 172 -11.18 -10.35 5.40
CA THR A 172 -9.77 -10.72 5.34
C THR A 172 -8.96 -9.47 5.65
N GLN A 173 -8.05 -9.55 6.63
CA GLN A 173 -7.40 -8.37 7.18
C GLN A 173 -5.90 -8.61 7.32
N TYR A 174 -5.09 -7.61 6.97
CA TYR A 174 -3.66 -7.61 7.16
C TYR A 174 -3.25 -6.35 7.92
N TYR A 175 -2.45 -6.52 8.99
CA TYR A 175 -1.92 -5.43 9.79
C TYR A 175 -0.41 -5.55 9.82
N GLU A 176 0.29 -4.56 9.26
CA GLU A 176 1.74 -4.62 9.09
C GLU A 176 2.41 -3.43 9.77
N ASP A 177 3.41 -3.72 10.61
CA ASP A 177 4.16 -2.72 11.35
C ASP A 177 3.22 -1.81 12.10
N CYS A 178 2.21 -2.40 12.76
CA CYS A 178 1.26 -1.62 13.52
C CYS A 178 1.60 -1.70 15.01
N ILE A 179 1.02 -0.81 15.79
CA ILE A 179 1.02 -0.92 17.23
C ILE A 179 -0.43 -0.97 17.70
N ILE A 180 -0.76 -1.96 18.54
CA ILE A 180 -2.13 -2.12 19.02
C ILE A 180 -2.10 -2.24 20.54
N GLU A 181 -2.90 -1.42 21.22
CA GLU A 181 -2.88 -1.33 22.67
C GLU A 181 -4.25 -1.66 23.24
N GLY A 182 -4.24 -2.32 24.41
CA GLY A 182 -5.44 -2.41 25.23
C GLY A 182 -5.24 -3.41 26.38
N ASP A 183 -6.36 -3.86 26.95
CA ASP A 183 -6.31 -4.76 28.08
C ASP A 183 -7.19 -5.99 27.84
N VAL A 184 -8.49 -5.78 27.67
CA VAL A 184 -9.44 -6.87 27.63
C VAL A 184 -10.02 -7.02 26.23
N ASP A 185 -9.76 -8.19 25.66
CA ASP A 185 -10.26 -8.58 24.34
C ASP A 185 -10.04 -7.48 23.29
N PHE A 186 -8.79 -6.98 23.18
CA PHE A 186 -8.61 -5.72 22.47
C PHE A 186 -8.32 -5.99 21.00
N ILE A 187 -8.12 -7.26 20.63
CA ILE A 187 -8.25 -7.67 19.25
C ILE A 187 -9.26 -8.81 19.16
N PHE A 188 -10.42 -8.55 18.55
CA PHE A 188 -11.51 -9.53 18.57
C PHE A 188 -12.37 -9.46 17.30
N GLY A 189 -13.19 -10.50 17.12
CA GLY A 189 -14.02 -10.65 15.94
C GLY A 189 -13.85 -12.01 15.26
N GLY A 190 -14.51 -12.19 14.12
CA GLY A 190 -14.49 -13.45 13.39
C GLY A 190 -13.63 -13.43 12.13
N ALA A 191 -12.92 -12.33 11.89
CA ALA A 191 -12.14 -12.14 10.66
C ALA A 191 -11.03 -13.18 10.55
N ASN A 192 -10.66 -13.46 9.30
CA ASN A 192 -9.35 -14.00 8.97
C ASN A 192 -8.37 -12.83 8.95
N ALA A 193 -7.39 -12.84 9.82
CA ALA A 193 -6.55 -11.67 10.01
C ALA A 193 -5.11 -12.11 10.24
N VAL A 194 -4.19 -11.33 9.67
CA VAL A 194 -2.78 -11.51 9.95
C VAL A 194 -2.22 -10.24 10.55
N PHE A 195 -1.54 -10.38 11.69
CA PHE A 195 -0.73 -9.33 12.25
C PHE A 195 0.73 -9.68 12.00
N LYS A 196 1.43 -8.80 11.28
CA LYS A 196 2.79 -9.07 10.84
C LYS A 196 3.71 -7.98 11.35
N ASN A 197 4.65 -8.37 12.23
CA ASN A 197 5.69 -7.48 12.75
C ASN A 197 5.04 -6.33 13.53
N CYS A 198 4.02 -6.65 14.32
CA CYS A 198 3.32 -5.67 15.12
C CYS A 198 3.79 -5.68 16.57
N THR A 199 3.68 -4.54 17.23
CA THR A 199 3.89 -4.46 18.66
C THR A 199 2.53 -4.48 19.35
N ILE A 200 2.31 -5.44 20.23
CA ILE A 200 1.01 -5.65 20.87
C ILE A 200 1.17 -5.33 22.36
N VAL A 201 0.55 -4.24 22.81
CA VAL A 201 0.81 -3.66 24.12
C VAL A 201 -0.38 -3.95 25.04
N SER A 202 -0.14 -4.74 26.10
CA SER A 202 -1.09 -4.94 27.18
C SER A 202 -0.97 -3.81 28.21
N LEU A 203 -2.10 -3.12 28.45
CA LEU A 203 -2.15 -1.99 29.36
C LEU A 203 -2.62 -2.46 30.74
N TYR A 204 -1.87 -1.99 31.75
CA TYR A 204 -2.12 -2.27 33.15
C TYR A 204 -3.49 -1.73 33.56
N ARG A 205 -4.21 -2.55 34.34
CA ARG A 205 -5.49 -2.17 34.91
C ARG A 205 -5.28 -2.09 36.42
N ALA A 206 -5.27 -0.84 36.91
CA ALA A 206 -4.89 -0.57 38.27
C ALA A 206 -6.06 -0.88 39.20
N PRO A 207 -5.79 -1.24 40.48
CA PRO A 207 -6.84 -1.32 41.48
C PRO A 207 -7.67 -0.06 41.50
N LEU A 208 -8.99 -0.23 41.59
CA LEU A 208 -9.90 0.91 41.65
C LEU A 208 -10.30 1.13 43.09
N ILE A 209 -10.26 2.40 43.51
CA ILE A 209 -10.63 2.80 44.86
C ILE A 209 -12.13 2.56 45.02
N ASP A 210 -12.52 2.01 46.17
CA ASP A 210 -13.91 1.98 46.58
C ASP A 210 -14.20 3.29 47.33
N LYS A 211 -15.00 4.15 46.68
CA LYS A 211 -15.12 5.55 47.06
C LYS A 211 -15.89 5.67 48.38
N ASN A 212 -16.67 4.64 48.73
CA ASN A 212 -17.43 4.65 49.97
C ASN A 212 -16.55 4.15 51.12
N THR A 213 -15.27 3.85 50.86
CA THR A 213 -14.34 3.46 51.90
C THR A 213 -13.37 4.60 52.22
N ILE A 214 -13.61 5.82 51.67
CA ILE A 214 -12.74 6.95 51.97
C ILE A 214 -12.96 7.41 53.40
N SER A 215 -11.89 7.42 54.19
CA SER A 215 -11.91 7.94 55.54
C SER A 215 -11.00 9.17 55.59
N LYS A 216 -10.74 9.66 56.80
CA LYS A 216 -9.92 10.85 56.99
C LYS A 216 -8.48 10.44 57.32
N GLU A 217 -8.30 9.38 58.11
CA GLU A 217 -6.99 9.05 58.65
C GLU A 217 -6.61 7.60 58.34
N LYS A 218 -7.28 6.97 57.36
CA LYS A 218 -7.04 5.56 57.08
C LYS A 218 -7.12 5.31 55.58
N ALA A 219 -6.38 4.29 55.10
CA ALA A 219 -6.41 3.91 53.70
C ALA A 219 -7.82 3.49 53.30
N ALA A 220 -8.20 3.79 52.07
CA ALA A 220 -9.40 3.22 51.46
C ALA A 220 -9.12 1.79 51.04
N ASP A 221 -10.19 1.11 50.61
CA ASP A 221 -10.09 -0.24 50.06
C ASP A 221 -10.12 -0.16 48.54
N TYR A 222 -9.56 -1.18 47.90
CA TYR A 222 -9.41 -1.22 46.47
C TYR A 222 -9.90 -2.57 45.94
N THR A 223 -10.48 -2.54 44.75
CA THR A 223 -10.79 -3.74 44.00
C THR A 223 -9.61 -4.07 43.07
N ASP A 224 -8.82 -5.09 43.44
CA ASP A 224 -7.75 -5.64 42.62
C ASP A 224 -8.37 -6.43 41.48
N VAL A 225 -7.52 -6.76 40.50
CA VAL A 225 -7.96 -7.38 39.27
C VAL A 225 -7.32 -8.76 39.23
N PRO A 226 -8.13 -9.84 39.08
CA PRO A 226 -7.56 -11.20 39.12
C PRO A 226 -6.63 -11.38 37.93
N VAL A 227 -7.14 -11.03 36.74
CA VAL A 227 -6.38 -11.16 35.51
C VAL A 227 -6.26 -9.79 34.87
N GLN A 228 -5.08 -9.47 34.34
CA GLN A 228 -4.81 -8.15 33.80
C GLN A 228 -5.50 -7.98 32.46
N GLY A 229 -5.54 -9.04 31.65
CA GLY A 229 -6.19 -8.93 30.36
C GLY A 229 -6.09 -10.18 29.48
N PHE A 230 -6.75 -10.10 28.34
CA PHE A 230 -6.66 -11.08 27.28
C PHE A 230 -6.48 -10.32 25.97
N VAL A 231 -5.43 -10.64 25.21
CA VAL A 231 -5.10 -9.85 24.03
C VAL A 231 -6.12 -10.10 22.93
N CYS A 232 -6.38 -11.37 22.66
CA CYS A 232 -7.13 -11.74 21.49
C CYS A 232 -8.35 -12.60 21.84
N ALA A 233 -9.53 -12.16 21.37
CA ALA A 233 -10.78 -12.87 21.63
C ALA A 233 -11.51 -13.16 20.32
N PRO A 234 -11.13 -14.22 19.58
CA PRO A 234 -11.76 -14.53 18.30
C PRO A 234 -13.07 -15.31 18.40
N CYS A 235 -13.96 -15.13 17.40
CA CYS A 235 -15.18 -15.92 17.23
C CYS A 235 -15.18 -16.57 15.86
N THR A 236 -13.99 -17.01 15.47
CA THR A 236 -13.73 -17.64 14.20
C THR A 236 -14.70 -18.78 13.90
N PRO A 237 -15.42 -18.71 12.74
CA PRO A 237 -16.12 -19.87 12.18
C PRO A 237 -15.24 -21.08 11.91
N GLU A 238 -15.89 -22.24 11.91
CA GLU A 238 -15.26 -23.54 12.06
C GLU A 238 -14.18 -23.77 11.01
N ASP A 239 -14.46 -23.36 9.77
CA ASP A 239 -13.61 -23.74 8.66
C ASP A 239 -12.49 -22.72 8.44
N GLU A 240 -12.67 -21.49 8.91
CA GLU A 240 -11.77 -20.40 8.57
C GLU A 240 -10.51 -20.44 9.44
N PRO A 241 -9.36 -19.95 8.91
CA PRO A 241 -8.10 -19.94 9.67
C PRO A 241 -8.07 -18.95 10.82
N GLY A 242 -8.77 -17.83 10.67
CA GLY A 242 -8.90 -16.89 11.77
C GLY A 242 -7.68 -16.01 11.96
N ILE A 243 -7.30 -15.77 13.21
CA ILE A 243 -6.34 -14.73 13.55
C ILE A 243 -4.94 -15.33 13.73
N ARG A 244 -3.97 -14.76 13.02
N ARG A 244 -3.96 -14.77 13.02
CA ARG A 244 -2.57 -15.20 13.09
CA ARG A 244 -2.57 -15.20 13.09
C ARG A 244 -1.67 -14.00 13.40
C ARG A 244 -1.67 -14.00 13.40
N PHE A 245 -0.84 -14.13 14.44
CA PHE A 245 0.18 -13.15 14.78
C PHE A 245 1.53 -13.72 14.34
N ILE A 246 2.28 -12.94 13.56
CA ILE A 246 3.54 -13.43 13.03
C ILE A 246 4.62 -12.40 13.30
N ASP A 247 5.72 -12.86 13.93
CA ASP A 247 6.86 -12.02 14.23
C ASP A 247 6.41 -10.77 14.97
N CYS A 248 5.45 -10.96 15.88
CA CYS A 248 4.87 -9.82 16.62
C CYS A 248 5.48 -9.78 18.03
N ARG A 249 5.53 -8.60 18.63
CA ARG A 249 6.13 -8.46 19.98
C ARG A 249 5.02 -8.09 20.99
N PHE A 250 4.96 -8.83 22.08
CA PHE A 250 3.92 -8.61 23.12
C PHE A 250 4.59 -7.95 24.33
N ILE A 251 4.25 -6.69 24.60
CA ILE A 251 4.90 -5.93 25.65
C ILE A 251 3.82 -5.28 26.52
N THR A 252 4.23 -4.68 27.64
CA THR A 252 3.30 -3.99 28.52
C THR A 252 3.90 -2.67 29.01
N ASP A 253 3.02 -1.82 29.54
CA ASP A 253 3.45 -0.61 30.21
C ASP A 253 3.95 -1.00 31.60
N ARG A 254 3.10 -1.66 32.41
CA ARG A 254 3.50 -1.99 33.76
C ARG A 254 2.70 -3.16 34.35
N CYS A 255 2.14 -4.04 33.50
CA CYS A 255 1.41 -5.19 34.00
C CYS A 255 2.39 -6.07 34.76
N PRO A 256 1.95 -6.70 35.87
CA PRO A 256 2.80 -7.64 36.59
C PRO A 256 2.96 -8.98 35.87
N ASP A 257 3.96 -9.74 36.30
CA ASP A 257 4.38 -10.94 35.61
C ASP A 257 3.23 -11.93 35.60
N SER A 258 3.06 -12.61 34.46
CA SER A 258 2.16 -13.74 34.35
C SER A 258 0.72 -13.34 34.67
N SER A 259 0.29 -12.15 34.23
CA SER A 259 -1.04 -11.64 34.53
C SER A 259 -1.90 -11.52 33.29
N VAL A 260 -1.34 -11.82 32.11
CA VAL A 260 -2.02 -11.58 30.84
C VAL A 260 -2.01 -12.86 30.00
N TYR A 261 -3.18 -13.16 29.41
CA TYR A 261 -3.35 -14.28 28.49
C TYR A 261 -3.33 -13.77 27.06
N LEU A 262 -2.78 -14.58 26.14
CA LEU A 262 -2.71 -14.20 24.74
C LEU A 262 -4.09 -14.22 24.11
N ALA A 263 -4.94 -15.15 24.55
CA ALA A 263 -6.23 -15.35 23.91
C ALA A 263 -7.21 -16.07 24.83
N ARG A 264 -8.48 -15.72 24.67
CA ARG A 264 -9.57 -16.54 25.17
C ARG A 264 -10.65 -16.58 24.09
N PRO A 265 -11.36 -17.71 23.94
CA PRO A 265 -12.28 -17.92 22.84
C PRO A 265 -13.61 -17.21 23.11
N TRP A 266 -13.86 -16.12 22.38
CA TRP A 266 -15.10 -15.38 22.50
C TRP A 266 -16.27 -16.28 22.12
N ARG A 267 -16.09 -17.10 21.08
CA ARG A 267 -16.97 -18.22 20.73
C ARG A 267 -16.18 -19.52 20.71
N GLU A 268 -16.90 -20.64 20.95
CA GLU A 268 -16.34 -21.95 21.22
C GLU A 268 -15.13 -22.26 20.36
N LYS A 269 -15.22 -21.97 19.05
CA LYS A 269 -14.27 -22.46 18.06
C LYS A 269 -13.37 -21.34 17.53
N GLY A 270 -13.16 -20.28 18.30
CA GLY A 270 -12.26 -19.21 17.91
C GLY A 270 -10.82 -19.68 17.71
N ALA A 271 -10.13 -19.02 16.79
CA ALA A 271 -8.79 -19.45 16.38
C ALA A 271 -7.83 -18.28 16.47
N ALA A 272 -6.68 -18.50 17.13
CA ALA A 272 -5.61 -17.51 17.21
C ALA A 272 -4.28 -18.25 17.28
N SER A 273 -3.35 -17.94 16.36
CA SER A 273 -2.05 -18.58 16.36
C SER A 273 -0.95 -17.51 16.47
N PHE A 274 0.17 -17.91 17.09
CA PHE A 274 1.27 -17.00 17.33
C PHE A 274 2.52 -17.67 16.78
N GLU A 275 3.07 -17.13 15.70
CA GLU A 275 4.20 -17.75 15.01
C GLU A 275 5.42 -16.86 15.17
N ASN A 276 6.44 -17.40 15.85
CA ASN A 276 7.72 -16.73 16.03
C ASN A 276 7.53 -15.37 16.71
N CYS A 277 6.64 -15.33 17.70
CA CYS A 277 6.33 -14.11 18.40
C CYS A 277 7.19 -14.09 19.64
N SER A 278 7.42 -12.90 20.19
CA SER A 278 8.15 -12.81 21.45
C SER A 278 7.24 -12.22 22.51
N PHE A 279 7.30 -12.81 23.70
CA PHE A 279 6.36 -12.55 24.77
C PHE A 279 7.12 -11.96 25.95
N GLY A 280 6.71 -10.76 26.39
CA GLY A 280 7.21 -10.20 27.63
C GLY A 280 6.73 -11.02 28.82
N SER A 281 7.32 -10.78 29.98
CA SER A 281 7.07 -11.64 31.12
C SER A 281 5.70 -11.37 31.77
N HIS A 282 4.92 -10.44 31.21
CA HIS A 282 3.55 -10.25 31.67
C HIS A 282 2.64 -11.38 31.15
N ILE A 283 3.13 -12.09 30.14
CA ILE A 283 2.35 -13.14 29.51
C ILE A 283 2.41 -14.40 30.35
N HIS A 284 1.23 -14.92 30.70
CA HIS A 284 1.10 -16.13 31.52
C HIS A 284 1.68 -17.33 30.76
N PRO A 285 2.48 -18.19 31.42
CA PRO A 285 3.13 -19.32 30.75
C PRO A 285 2.18 -20.34 30.12
N ASP A 286 0.92 -20.35 30.57
CA ASP A 286 -0.13 -21.21 30.00
C ASP A 286 -0.67 -20.63 28.69
N LEU A 287 -0.46 -19.33 28.47
CA LEU A 287 -0.69 -18.63 27.20
C LEU A 287 -2.16 -18.34 26.99
N PHE A 288 -3.00 -19.36 27.12
CA PHE A 288 -4.39 -19.26 26.69
C PHE A 288 -5.34 -19.50 27.86
N ALA A 289 -6.44 -18.77 27.85
CA ALA A 289 -7.45 -18.82 28.89
C ALA A 289 -8.76 -19.32 28.32
N GLY A 290 -9.50 -20.08 29.13
CA GLY A 290 -10.88 -20.41 28.82
C GLY A 290 -11.77 -19.17 28.92
N TRP A 291 -12.97 -19.27 28.36
CA TRP A 291 -13.95 -18.21 28.44
C TRP A 291 -14.79 -18.35 29.72
N LYS A 292 -15.43 -19.54 29.87
CA LYS A 292 -16.25 -19.89 31.03
C LYS A 292 -15.39 -19.82 32.28
N ASP A 293 -14.22 -20.48 32.20
CA ASP A 293 -13.30 -20.69 33.30
C ASP A 293 -11.88 -20.46 32.77
N ILE A 294 -11.21 -19.41 33.26
CA ILE A 294 -9.87 -19.05 32.85
C ILE A 294 -8.93 -20.25 32.86
N TYR A 295 -9.17 -21.22 33.75
CA TYR A 295 -8.24 -22.31 34.03
C TYR A 295 -8.64 -23.60 33.32
N ASP A 296 -9.69 -23.53 32.47
CA ASP A 296 -10.18 -24.67 31.72
C ASP A 296 -10.54 -24.23 30.31
N LEU A 297 -9.57 -24.39 29.39
CA LEU A 297 -9.72 -23.94 28.02
C LEU A 297 -10.60 -24.92 27.26
N GLU A 298 -11.70 -24.40 26.71
CA GLU A 298 -12.62 -25.22 25.96
C GLU A 298 -11.81 -25.94 24.87
N LYS A 299 -12.05 -27.26 24.76
CA LYS A 299 -11.23 -28.14 23.95
C LYS A 299 -11.45 -27.86 22.46
N THR A 300 -12.49 -27.08 22.14
CA THR A 300 -12.86 -26.77 20.76
C THR A 300 -12.13 -25.53 20.25
N ALA A 301 -11.41 -24.81 21.13
CA ALA A 301 -10.65 -23.64 20.71
C ALA A 301 -9.47 -24.08 19.87
N ARG A 302 -9.06 -23.20 18.95
CA ARG A 302 -7.92 -23.46 18.09
C ARG A 302 -6.82 -22.43 18.37
N PHE A 303 -6.09 -22.65 19.48
CA PHE A 303 -5.03 -21.77 19.91
C PHE A 303 -3.69 -22.49 19.81
N LYS A 304 -2.73 -21.88 19.13
CA LYS A 304 -1.47 -22.53 18.82
C LYS A 304 -0.34 -21.50 18.95
N ASN A 305 0.83 -21.98 19.41
CA ASN A 305 2.01 -21.15 19.52
C ASN A 305 3.14 -21.91 18.83
N LEU A 306 3.58 -21.42 17.66
CA LEU A 306 4.51 -22.16 16.80
C LEU A 306 5.92 -21.56 16.85
N SER B 19 -21.32 -50.05 -23.08
CA SER B 19 -21.37 -48.94 -22.09
C SER B 19 -20.05 -48.85 -21.36
N HIS B 20 -19.22 -47.86 -21.71
CA HIS B 20 -17.94 -47.71 -21.04
C HIS B 20 -17.64 -46.22 -20.81
N MET B 21 -16.73 -45.97 -19.85
CA MET B 21 -16.23 -44.64 -19.53
C MET B 21 -14.77 -44.57 -19.98
N LEU B 22 -14.31 -43.38 -20.35
CA LEU B 22 -12.93 -43.17 -20.81
C LEU B 22 -12.37 -41.91 -20.16
N GLU B 23 -11.10 -41.93 -19.78
CA GLU B 23 -10.46 -40.74 -19.28
C GLU B 23 -10.09 -39.83 -20.46
N MET B 24 -10.36 -38.53 -20.34
CA MET B 24 -10.06 -37.58 -21.39
C MET B 24 -8.89 -36.73 -20.92
N LYS B 25 -8.18 -36.10 -21.86
CA LYS B 25 -7.00 -35.34 -21.52
C LYS B 25 -7.40 -33.89 -21.34
N LYS B 26 -7.24 -33.37 -20.12
CA LYS B 26 -7.52 -31.97 -19.82
C LYS B 26 -6.39 -31.45 -18.95
N ILE B 27 -5.77 -30.33 -19.36
CA ILE B 27 -4.59 -29.82 -18.71
C ILE B 27 -4.84 -28.40 -18.22
N PHE B 28 -4.47 -28.19 -16.95
CA PHE B 28 -4.51 -26.87 -16.36
C PHE B 28 -3.13 -26.21 -16.44
N PHE B 29 -3.10 -24.97 -16.90
CA PHE B 29 -1.88 -24.19 -16.90
C PHE B 29 -1.99 -23.14 -15.82
N SER B 30 -1.10 -23.24 -14.82
CA SER B 30 -1.12 -22.34 -13.67
C SER B 30 -1.05 -20.90 -14.14
N ASN B 31 -1.40 -19.99 -13.23
CA ASN B 31 -1.11 -18.58 -13.43
C ASN B 31 0.40 -18.45 -13.62
N GLY B 32 0.82 -17.43 -14.38
CA GLY B 32 2.20 -17.25 -14.78
C GLY B 32 2.38 -17.42 -16.30
N THR B 33 3.61 -17.22 -16.76
CA THR B 33 4.00 -17.42 -18.13
C THR B 33 4.70 -18.78 -18.25
N HIS B 34 4.27 -19.60 -19.20
CA HIS B 34 4.89 -20.88 -19.49
C HIS B 34 5.62 -20.78 -20.84
N TYR B 35 6.96 -20.75 -20.80
CA TYR B 35 7.77 -20.55 -21.99
C TYR B 35 8.06 -21.89 -22.64
N GLN B 36 7.27 -22.28 -23.64
CA GLN B 36 7.56 -23.52 -24.35
C GLN B 36 6.78 -23.59 -25.65
N LYS B 37 7.33 -24.38 -26.57
CA LYS B 37 6.71 -24.65 -27.85
C LYS B 37 5.92 -25.93 -27.68
N LEU B 38 4.60 -25.83 -27.77
CA LEU B 38 3.73 -26.96 -27.53
C LEU B 38 3.33 -27.54 -28.87
N TYR B 39 3.56 -28.85 -29.03
CA TYR B 39 3.26 -29.57 -30.24
C TYR B 39 2.40 -30.80 -29.91
N PHE B 40 1.08 -30.60 -30.00
CA PHE B 40 0.09 -31.62 -29.65
C PHE B 40 -0.33 -32.38 -30.91
N ASP B 41 0.49 -33.38 -31.27
CA ASP B 41 0.39 -34.10 -32.53
C ASP B 41 -0.03 -35.54 -32.26
N GLU B 42 0.00 -36.38 -33.31
CA GLU B 42 -0.27 -37.81 -33.19
C GLU B 42 0.65 -38.50 -32.17
N GLU B 43 1.96 -38.20 -32.22
CA GLU B 43 2.94 -38.81 -31.33
C GLU B 43 2.58 -38.53 -29.86
N TYR B 44 2.14 -37.29 -29.55
CA TYR B 44 1.77 -36.90 -28.19
C TYR B 44 0.59 -37.73 -27.71
N TYR B 45 -0.40 -37.92 -28.59
CA TYR B 45 -1.61 -38.64 -28.24
C TYR B 45 -1.32 -40.11 -28.01
N LYS B 46 -0.48 -40.72 -28.84
CA LYS B 46 -0.15 -42.13 -28.69
C LYS B 46 0.61 -42.33 -27.38
N ASN B 47 1.55 -41.43 -27.08
CA ASN B 47 2.40 -41.60 -25.90
C ASN B 47 1.65 -41.28 -24.60
N ASN B 48 0.58 -40.48 -24.66
CA ASN B 48 -0.17 -40.15 -23.46
C ASN B 48 -1.51 -40.87 -23.46
N ASN B 49 -1.62 -41.90 -24.33
CA ASN B 49 -2.75 -42.80 -24.34
C ASN B 49 -4.06 -42.04 -24.47
N VAL B 50 -4.08 -40.98 -25.29
CA VAL B 50 -5.28 -40.22 -25.55
C VAL B 50 -5.94 -40.85 -26.78
N THR B 51 -6.78 -41.87 -26.56
CA THR B 51 -7.21 -42.72 -27.67
C THR B 51 -8.24 -41.98 -28.53
N ASP B 52 -8.79 -40.86 -28.04
CA ASP B 52 -9.79 -40.06 -28.74
C ASP B 52 -9.14 -38.81 -29.37
N ASN B 53 -7.80 -38.70 -29.29
CA ASN B 53 -7.04 -37.69 -30.01
C ASN B 53 -7.65 -36.30 -29.83
N SER B 54 -7.93 -35.96 -28.57
CA SER B 54 -8.60 -34.72 -28.25
C SER B 54 -7.95 -34.10 -27.04
N LEU B 55 -7.97 -32.78 -26.99
CA LEU B 55 -7.25 -32.07 -25.96
C LEU B 55 -8.11 -30.91 -25.47
N HIS B 56 -8.13 -30.75 -24.13
CA HIS B 56 -8.75 -29.61 -23.50
C HIS B 56 -7.67 -28.92 -22.66
N ILE B 57 -7.43 -27.64 -22.93
CA ILE B 57 -6.49 -26.83 -22.19
C ILE B 57 -7.23 -25.72 -21.47
N LYS B 58 -6.83 -25.49 -20.23
CA LYS B 58 -7.49 -24.53 -19.38
C LYS B 58 -6.39 -23.76 -18.65
N GLY B 59 -6.55 -22.44 -18.58
CA GLY B 59 -5.72 -21.61 -17.73
C GLY B 59 -6.51 -21.03 -16.56
N ALA B 60 -5.83 -20.14 -15.81
CA ALA B 60 -6.34 -19.51 -14.61
C ALA B 60 -7.03 -18.19 -14.96
N GLY B 61 -7.20 -17.92 -16.24
CA GLY B 61 -7.78 -16.66 -16.68
C GLY B 61 -7.05 -16.11 -17.91
N MET B 62 -7.82 -15.40 -18.73
CA MET B 62 -7.37 -15.00 -20.05
C MET B 62 -6.01 -14.32 -19.97
N ASP B 63 -5.72 -13.49 -18.97
CA ASP B 63 -4.39 -12.89 -19.03
C ASP B 63 -3.55 -13.25 -17.82
N VAL B 64 -4.06 -14.09 -16.91
CA VAL B 64 -3.26 -14.44 -15.74
C VAL B 64 -2.41 -15.66 -16.06
N THR B 65 -2.81 -16.43 -17.09
CA THR B 65 -2.01 -17.54 -17.61
C THR B 65 -1.58 -17.23 -19.04
N THR B 66 -0.29 -17.44 -19.35
CA THR B 66 0.27 -17.12 -20.66
C THR B 66 1.18 -18.25 -21.14
N ILE B 67 0.88 -18.77 -22.35
CA ILE B 67 1.76 -19.71 -23.03
C ILE B 67 2.57 -18.94 -24.08
N SER B 68 3.89 -19.11 -24.05
CA SER B 68 4.75 -18.15 -24.72
C SER B 68 5.96 -18.81 -25.37
N TRP B 69 6.20 -18.44 -26.64
CA TRP B 69 7.42 -18.74 -27.37
C TRP B 69 7.63 -17.66 -28.45
N SER B 70 8.71 -17.74 -29.21
CA SER B 70 9.19 -16.61 -30.00
C SER B 70 9.94 -17.04 -31.26
N ASP B 71 9.50 -18.14 -31.90
CA ASP B 71 10.06 -18.58 -33.17
C ASP B 71 9.41 -17.77 -34.30
N GLY B 72 10.23 -17.39 -35.29
CA GLY B 72 9.77 -16.65 -36.46
C GLY B 72 10.21 -17.29 -37.77
N GLY B 73 9.42 -17.08 -38.83
CA GLY B 73 9.62 -17.80 -40.08
C GLY B 73 11.00 -17.52 -40.72
N PHE B 74 11.61 -16.35 -40.43
CA PHE B 74 12.87 -16.00 -41.05
C PHE B 74 14.05 -16.53 -40.25
N ASP B 75 13.79 -17.20 -39.12
CA ASP B 75 14.88 -17.72 -38.29
C ASP B 75 15.61 -18.84 -39.02
N LYS B 76 16.76 -19.24 -38.47
CA LYS B 76 17.52 -20.36 -38.99
C LYS B 76 16.64 -21.60 -39.00
N ALA B 77 16.83 -22.45 -40.01
CA ALA B 77 16.20 -23.75 -40.05
C ALA B 77 16.76 -24.58 -38.89
N PRO B 78 15.91 -25.29 -38.13
CA PRO B 78 16.40 -26.10 -37.01
C PRO B 78 16.98 -27.45 -37.47
N ASP B 79 16.84 -27.77 -38.75
CA ASP B 79 17.27 -29.07 -39.27
C ASP B 79 17.59 -28.94 -40.76
N ASP B 80 17.78 -30.11 -41.42
CA ASP B 80 18.18 -30.16 -42.81
C ASP B 80 17.01 -29.77 -43.72
N LYS B 81 15.85 -29.41 -43.14
CA LYS B 81 14.64 -29.18 -43.92
C LYS B 81 14.46 -27.66 -44.05
N GLY B 82 14.42 -27.17 -45.30
CA GLY B 82 14.25 -25.76 -45.57
C GLY B 82 15.54 -24.97 -45.45
N ILE B 83 15.46 -23.71 -45.88
CA ILE B 83 16.54 -22.74 -45.80
C ILE B 83 16.28 -21.80 -44.61
N LYS B 84 15.12 -21.96 -43.96
CA LYS B 84 14.70 -21.10 -42.87
C LYS B 84 13.63 -21.86 -42.10
N LEU B 85 13.27 -21.33 -40.93
CA LEU B 85 12.36 -22.05 -40.06
C LEU B 85 11.02 -22.24 -40.77
N GLY B 86 10.47 -21.12 -41.30
CA GLY B 86 9.23 -21.14 -42.05
C GLY B 86 8.02 -20.74 -41.21
N THR B 87 7.06 -20.10 -41.85
CA THR B 87 5.77 -19.77 -41.27
C THR B 87 5.20 -20.93 -40.44
N PHE B 88 5.10 -22.11 -41.03
CA PHE B 88 4.26 -23.16 -40.46
C PHE B 88 5.08 -24.01 -39.50
N ARG B 89 6.34 -23.65 -39.29
CA ARG B 89 7.07 -24.16 -38.14
C ARG B 89 7.25 -23.09 -37.07
N SER B 90 6.63 -21.91 -37.22
CA SER B 90 6.85 -20.81 -36.28
C SER B 90 6.00 -20.88 -35.00
N TYR B 91 5.05 -21.83 -34.92
CA TYR B 91 3.94 -21.77 -33.96
C TYR B 91 4.46 -21.83 -32.52
N THR B 92 3.80 -21.09 -31.63
CA THR B 92 3.98 -21.31 -30.20
C THR B 92 3.22 -22.57 -29.76
N MET B 93 1.97 -22.73 -30.25
CA MET B 93 1.21 -23.93 -29.97
C MET B 93 0.64 -24.48 -31.27
N PHE B 94 0.85 -25.78 -31.50
CA PHE B 94 0.16 -26.54 -32.54
C PHE B 94 -0.76 -27.52 -31.85
N VAL B 95 -2.02 -27.60 -32.29
CA VAL B 95 -2.90 -28.65 -31.80
C VAL B 95 -3.66 -29.30 -32.96
N SER B 96 -3.69 -30.64 -32.96
CA SER B 96 -4.42 -31.42 -33.95
C SER B 96 -5.36 -32.41 -33.27
N GLY B 97 -5.90 -33.35 -34.05
CA GLY B 97 -6.74 -34.42 -33.55
C GLY B 97 -8.21 -34.16 -33.89
N ASN B 98 -9.12 -34.81 -33.16
CA ASN B 98 -10.52 -34.69 -33.44
C ASN B 98 -11.08 -33.39 -32.86
N GLU B 99 -10.65 -33.03 -31.66
CA GLU B 99 -11.19 -31.87 -31.00
C GLU B 99 -10.16 -31.22 -30.10
N ALA B 100 -10.16 -29.89 -30.09
CA ALA B 100 -9.32 -29.13 -29.19
C ALA B 100 -10.15 -28.02 -28.57
N ILE B 101 -9.95 -27.80 -27.29
CA ILE B 101 -10.69 -26.78 -26.58
C ILE B 101 -9.65 -26.02 -25.79
N ILE B 102 -9.73 -24.69 -25.84
CA ILE B 102 -8.75 -23.88 -25.15
C ILE B 102 -9.50 -22.79 -24.41
N GLU B 103 -9.25 -22.65 -23.11
CA GLU B 103 -10.02 -21.69 -22.33
C GLU B 103 -9.13 -20.93 -21.35
N ASP B 104 -9.44 -19.63 -21.21
CA ASP B 104 -8.99 -18.81 -20.10
C ASP B 104 -7.47 -18.78 -20.01
N LEU B 105 -6.82 -18.46 -21.13
CA LEU B 105 -5.38 -18.22 -21.12
C LEU B 105 -5.00 -17.37 -22.34
N THR B 106 -3.73 -16.99 -22.36
CA THR B 106 -3.13 -16.25 -23.45
C THR B 106 -2.16 -17.17 -24.17
N ILE B 107 -2.18 -17.13 -25.49
CA ILE B 107 -1.11 -17.77 -26.23
C ILE B 107 -0.43 -16.70 -27.07
N GLU B 108 0.90 -16.62 -26.98
CA GLU B 108 1.59 -15.54 -27.67
C GLU B 108 2.79 -16.06 -28.44
N ASN B 109 3.02 -15.43 -29.58
CA ASN B 109 4.31 -15.48 -30.25
C ASN B 109 4.96 -14.11 -30.12
N THR B 110 6.13 -14.04 -29.47
CA THR B 110 6.74 -12.75 -29.17
C THR B 110 7.92 -12.47 -30.11
N ALA B 111 7.99 -13.16 -31.26
CA ALA B 111 9.10 -12.93 -32.18
C ALA B 111 9.16 -11.45 -32.57
N GLY B 112 8.01 -10.90 -32.97
CA GLY B 112 7.88 -9.47 -33.19
C GLY B 112 7.49 -9.15 -34.63
N ASP B 113 7.81 -7.90 -35.02
CA ASP B 113 7.52 -7.36 -36.33
C ASP B 113 7.94 -8.32 -37.43
N GLY B 114 6.99 -8.61 -38.33
CA GLY B 114 7.16 -9.57 -39.40
C GLY B 114 8.19 -9.11 -40.43
N ARG B 115 8.37 -7.78 -40.52
CA ARG B 115 9.39 -7.21 -41.36
C ARG B 115 10.78 -7.61 -40.87
N ILE B 116 10.93 -8.10 -39.63
CA ILE B 116 12.27 -8.40 -39.14
C ILE B 116 12.46 -9.89 -38.89
N ARG B 117 11.44 -10.55 -38.32
CA ARG B 117 11.56 -11.94 -37.92
C ARG B 117 10.71 -12.83 -38.83
N GLY B 118 9.86 -12.20 -39.65
CA GLY B 118 8.99 -12.91 -40.56
C GLY B 118 7.68 -13.34 -39.88
N GLN B 119 6.95 -14.23 -40.55
CA GLN B 119 5.68 -14.74 -40.05
C GLN B 119 5.93 -15.53 -38.77
N ALA B 120 5.03 -15.41 -37.80
CA ALA B 120 5.23 -16.02 -36.50
C ALA B 120 3.87 -16.34 -35.86
N ILE B 121 3.48 -17.62 -35.92
CA ILE B 121 2.16 -18.07 -35.48
C ILE B 121 2.13 -18.22 -33.95
N ALA B 122 1.05 -17.75 -33.34
CA ALA B 122 0.79 -18.10 -31.95
C ALA B 122 0.10 -19.47 -31.90
N LEU B 123 -1.03 -19.62 -32.59
CA LEU B 123 -1.76 -20.88 -32.57
C LEU B 123 -1.89 -21.47 -33.97
N TYR B 124 -1.33 -22.65 -34.16
CA TYR B 124 -1.62 -23.47 -35.33
C TYR B 124 -2.77 -24.41 -34.96
N ALA B 125 -3.99 -24.02 -35.35
CA ALA B 125 -5.20 -24.70 -34.95
C ALA B 125 -5.60 -25.70 -36.03
N ASP B 126 -5.30 -26.99 -35.81
CA ASP B 126 -5.37 -28.00 -36.86
C ASP B 126 -6.43 -29.08 -36.59
N ALA B 127 -6.99 -29.13 -35.37
CA ALA B 127 -7.96 -30.15 -35.00
C ALA B 127 -9.26 -30.00 -35.79
N SER B 128 -9.99 -31.10 -36.02
CA SER B 128 -11.19 -31.06 -36.85
C SER B 128 -12.20 -30.10 -36.25
N LYS B 129 -12.31 -30.09 -34.91
CA LYS B 129 -13.15 -29.16 -34.16
C LYS B 129 -12.26 -28.39 -33.20
N VAL B 130 -12.36 -27.07 -33.24
CA VAL B 130 -11.60 -26.21 -32.35
C VAL B 130 -12.57 -25.24 -31.67
N THR B 131 -12.47 -25.17 -30.34
CA THR B 131 -13.26 -24.23 -29.57
C THR B 131 -12.33 -23.49 -28.63
N CYS B 132 -12.40 -22.16 -28.70
CA CYS B 132 -11.62 -21.29 -27.84
C CYS B 132 -12.60 -20.37 -27.11
N ARG B 133 -12.57 -20.39 -25.77
CA ARG B 133 -13.33 -19.44 -24.98
C ARG B 133 -12.37 -18.61 -24.12
N ARG B 134 -12.53 -17.28 -24.22
CA ARG B 134 -11.79 -16.34 -23.36
C ARG B 134 -10.29 -16.56 -23.53
N VAL B 135 -9.85 -16.67 -24.78
CA VAL B 135 -8.44 -16.83 -25.08
C VAL B 135 -7.95 -15.55 -25.75
N HIS B 136 -6.73 -15.14 -25.36
CA HIS B 136 -6.05 -13.99 -25.94
C HIS B 136 -4.90 -14.51 -26.79
N LEU B 137 -4.99 -14.26 -28.11
CA LEU B 137 -3.93 -14.62 -29.04
C LEU B 137 -3.14 -13.37 -29.43
N LYS B 138 -1.82 -13.45 -29.26
CA LYS B 138 -0.94 -12.31 -29.52
C LYS B 138 0.15 -12.72 -30.49
N GLY B 139 0.25 -11.92 -31.55
CA GLY B 139 1.41 -11.86 -32.40
C GLY B 139 1.34 -10.63 -33.33
N HIS B 140 2.10 -10.68 -34.43
CA HIS B 140 2.11 -9.60 -35.41
C HIS B 140 1.58 -10.15 -36.74
N GLN B 141 2.47 -10.75 -37.54
CA GLN B 141 2.08 -11.35 -38.81
C GLN B 141 1.73 -12.84 -38.62
N ASP B 142 0.53 -13.23 -39.08
CA ASP B 142 0.02 -14.61 -39.10
C ASP B 142 -0.21 -15.16 -37.70
N THR B 143 -0.83 -14.36 -36.82
CA THR B 143 -0.97 -14.75 -35.41
C THR B 143 -1.72 -16.06 -35.28
N LEU B 144 -2.91 -16.13 -35.89
CA LEU B 144 -3.73 -17.32 -35.80
C LEU B 144 -3.85 -17.98 -37.17
N PHE B 145 -3.45 -19.26 -37.24
CA PHE B 145 -3.65 -20.06 -38.43
C PHE B 145 -4.60 -21.24 -38.18
N MET B 146 -5.61 -21.34 -39.04
CA MET B 146 -6.64 -22.38 -38.98
C MET B 146 -6.58 -23.28 -40.21
N SER B 147 -6.28 -24.57 -40.00
CA SER B 147 -6.21 -25.51 -41.09
C SER B 147 -7.54 -25.55 -41.85
N PRO B 148 -7.57 -25.85 -43.18
CA PRO B 148 -6.40 -26.31 -43.92
C PRO B 148 -5.56 -25.26 -44.63
N LEU B 149 -4.39 -25.70 -45.09
CA LEU B 149 -3.59 -24.98 -46.04
C LEU B 149 -4.33 -24.88 -47.39
N PRO B 150 -4.00 -23.85 -48.18
CA PRO B 150 -4.35 -23.83 -49.60
C PRO B 150 -3.82 -25.06 -50.32
N LEU B 151 -4.32 -25.28 -51.55
CA LEU B 151 -3.99 -26.50 -52.29
C LEU B 151 -2.50 -26.55 -52.59
N THR B 152 -1.94 -25.47 -53.14
CA THR B 152 -0.57 -25.47 -53.59
C THR B 152 0.17 -24.24 -53.05
N GLU B 153 1.46 -24.46 -52.73
CA GLU B 153 2.34 -23.44 -52.20
C GLU B 153 2.62 -22.43 -53.31
N ARG B 154 2.70 -21.13 -52.97
CA ARG B 154 3.05 -20.10 -53.93
C ARG B 154 4.57 -19.97 -54.02
N GLU B 155 5.30 -20.12 -52.90
CA GLU B 155 6.76 -20.17 -52.93
C GLU B 155 7.25 -21.56 -52.51
N LYS B 156 8.41 -21.96 -53.03
CA LYS B 156 8.91 -23.30 -52.78
C LYS B 156 9.16 -23.45 -51.28
N GLY B 157 8.62 -24.54 -50.71
CA GLY B 157 8.84 -24.89 -49.31
C GLY B 157 8.04 -24.02 -48.34
N GLY B 158 7.12 -23.23 -48.87
CA GLY B 158 6.38 -22.27 -48.08
C GLY B 158 5.47 -22.90 -47.03
N PHE B 159 5.19 -24.21 -47.18
CA PHE B 159 4.32 -24.92 -46.26
C PHE B 159 5.10 -25.91 -45.37
N ILE B 160 6.43 -25.87 -45.40
CA ILE B 160 7.22 -26.77 -44.56
C ILE B 160 6.69 -26.67 -43.12
N GLY B 161 6.47 -27.81 -42.49
CA GLY B 161 5.80 -27.84 -41.19
C GLY B 161 5.06 -29.15 -40.96
N PRO B 162 4.26 -29.25 -39.88
CA PRO B 162 3.61 -30.52 -39.51
C PRO B 162 2.65 -31.08 -40.56
N ARG B 163 2.02 -30.22 -41.36
CA ARG B 163 0.97 -30.68 -42.31
C ARG B 163 1.35 -30.37 -43.75
N GLU B 164 2.64 -30.25 -44.02
CA GLU B 164 3.11 -29.87 -45.35
C GLU B 164 2.58 -30.85 -46.39
N ASN B 165 2.71 -32.15 -46.06
CA ASN B 165 2.39 -33.23 -46.99
C ASN B 165 1.16 -34.00 -46.49
N SER B 166 0.50 -33.50 -45.45
CA SER B 166 -0.77 -34.09 -45.01
C SER B 166 -1.87 -33.72 -46.00
N PRO B 167 -3.01 -34.45 -46.04
CA PRO B 167 -4.16 -33.98 -46.81
C PRO B 167 -4.70 -32.65 -46.30
N ARG B 168 -5.38 -31.93 -47.18
CA ARG B 168 -5.97 -30.66 -46.83
C ARG B 168 -7.35 -30.90 -46.22
N LEU B 169 -7.38 -31.38 -44.97
CA LEU B 169 -8.63 -31.58 -44.25
C LEU B 169 -9.23 -30.27 -43.77
N MET B 170 -10.54 -30.15 -43.96
CA MET B 170 -11.33 -29.03 -43.47
C MET B 170 -11.47 -29.13 -41.95
N THR B 171 -11.57 -27.97 -41.29
CA THR B 171 -11.77 -27.90 -39.86
C THR B 171 -12.89 -26.92 -39.56
N THR B 172 -13.47 -27.03 -38.35
CA THR B 172 -14.58 -26.19 -37.91
C THR B 172 -14.19 -25.58 -36.58
N GLN B 173 -14.26 -24.25 -36.46
CA GLN B 173 -13.66 -23.54 -35.34
C GLN B 173 -14.61 -22.50 -34.79
N TYR B 174 -14.71 -22.41 -33.45
CA TYR B 174 -15.50 -21.41 -32.78
C TYR B 174 -14.60 -20.66 -31.76
N TYR B 175 -14.63 -19.33 -31.82
CA TYR B 175 -13.86 -18.47 -30.94
C TYR B 175 -14.80 -17.51 -30.25
N GLU B 176 -14.92 -17.61 -28.92
CA GLU B 176 -15.92 -16.88 -28.16
C GLU B 176 -15.25 -16.04 -27.06
N ASP B 177 -15.59 -14.76 -27.03
CA ASP B 177 -15.04 -13.81 -26.06
C ASP B 177 -13.53 -13.87 -26.07
N CYS B 178 -12.95 -13.90 -27.27
CA CYS B 178 -11.51 -13.96 -27.40
C CYS B 178 -10.98 -12.57 -27.75
N ILE B 179 -9.69 -12.38 -27.55
CA ILE B 179 -8.99 -11.21 -28.04
C ILE B 179 -7.89 -11.68 -28.98
N ILE B 180 -7.85 -11.14 -30.19
CA ILE B 180 -6.88 -11.58 -31.18
C ILE B 180 -6.19 -10.35 -31.74
N GLU B 181 -4.85 -10.37 -31.73
CA GLU B 181 -4.06 -9.21 -32.07
C GLU B 181 -3.10 -9.53 -33.20
N GLY B 182 -2.89 -8.53 -34.06
CA GLY B 182 -1.79 -8.59 -35.02
C GLY B 182 -1.89 -7.47 -36.05
N ASP B 183 -1.18 -7.64 -37.17
CA ASP B 183 -1.17 -6.62 -38.20
C ASP B 183 -1.50 -7.22 -39.57
N VAL B 184 -0.66 -8.15 -40.04
CA VAL B 184 -0.76 -8.64 -41.41
C VAL B 184 -1.22 -10.09 -41.40
N ASP B 185 -2.39 -10.29 -42.01
CA ASP B 185 -3.01 -11.60 -42.18
C ASP B 185 -3.03 -12.39 -40.88
N PHE B 186 -3.53 -11.78 -39.80
CA PHE B 186 -3.28 -12.36 -38.49
C PHE B 186 -4.41 -13.33 -38.10
N ILE B 187 -5.47 -13.40 -38.92
CA ILE B 187 -6.39 -14.53 -38.88
C ILE B 187 -6.48 -15.11 -40.27
N PHE B 188 -5.93 -16.32 -40.49
CA PHE B 188 -5.86 -16.85 -41.85
C PHE B 188 -5.98 -18.38 -41.86
N GLY B 189 -6.20 -18.92 -43.07
CA GLY B 189 -6.42 -20.35 -43.25
C GLY B 189 -7.68 -20.65 -44.05
N GLY B 190 -7.99 -21.95 -44.21
CA GLY B 190 -9.13 -22.39 -45.00
C GLY B 190 -10.30 -22.89 -44.15
N ALA B 191 -10.20 -22.75 -42.82
CA ALA B 191 -11.20 -23.26 -41.88
C ALA B 191 -12.54 -22.58 -42.09
N ASN B 192 -13.59 -23.33 -41.76
CA ASN B 192 -14.89 -22.77 -41.42
C ASN B 192 -14.81 -22.33 -39.96
N ALA B 193 -14.95 -21.03 -39.72
CA ALA B 193 -14.66 -20.51 -38.41
C ALA B 193 -15.67 -19.42 -38.06
N VAL B 194 -16.05 -19.38 -36.78
CA VAL B 194 -16.87 -18.30 -36.26
C VAL B 194 -16.14 -17.60 -35.14
N PHE B 195 -16.03 -16.28 -35.24
CA PHE B 195 -15.61 -15.44 -34.14
C PHE B 195 -16.83 -14.73 -33.58
N LYS B 196 -17.09 -14.96 -32.29
CA LYS B 196 -18.30 -14.47 -31.64
C LYS B 196 -17.92 -13.59 -30.46
N ASN B 197 -18.26 -12.30 -30.54
CA ASN B 197 -18.09 -11.35 -29.44
C ASN B 197 -16.60 -11.21 -29.12
N CYS B 198 -15.77 -11.17 -30.16
CA CYS B 198 -14.33 -11.07 -29.99
C CYS B 198 -13.88 -9.63 -30.18
N THR B 199 -12.77 -9.29 -29.52
CA THR B 199 -12.10 -8.03 -29.78
C THR B 199 -10.93 -8.30 -30.72
N ILE B 200 -10.91 -7.63 -31.87
CA ILE B 200 -9.91 -7.88 -32.89
C ILE B 200 -9.05 -6.64 -33.00
N VAL B 201 -7.78 -6.76 -32.60
CA VAL B 201 -6.90 -5.62 -32.39
C VAL B 201 -5.87 -5.56 -33.51
N SER B 202 -5.94 -4.50 -34.33
CA SER B 202 -4.93 -4.19 -35.32
C SER B 202 -3.77 -3.42 -34.67
N LEU B 203 -2.55 -3.96 -34.77
CA LEU B 203 -1.38 -3.37 -34.18
C LEU B 203 -0.66 -2.51 -35.23
N TYR B 204 -0.28 -1.32 -34.76
CA TYR B 204 0.41 -0.31 -35.53
C TYR B 204 1.78 -0.86 -35.94
N ARG B 205 2.14 -0.59 -37.20
CA ARG B 205 3.44 -0.93 -37.74
C ARG B 205 4.15 0.39 -38.01
N ALA B 206 5.14 0.68 -37.16
CA ALA B 206 5.79 1.98 -37.16
C ALA B 206 6.79 2.05 -38.30
N PRO B 207 7.04 3.26 -38.85
CA PRO B 207 8.12 3.44 -39.82
C PRO B 207 9.42 2.88 -39.26
N LEU B 208 10.15 2.18 -40.14
CA LEU B 208 11.44 1.64 -39.76
C LEU B 208 12.53 2.58 -40.24
N ILE B 209 13.52 2.73 -39.38
CA ILE B 209 14.73 3.49 -39.67
C ILE B 209 15.48 2.80 -40.81
N ASP B 210 15.95 3.59 -41.77
CA ASP B 210 16.74 3.12 -42.89
C ASP B 210 18.21 3.13 -42.46
N LYS B 211 18.81 1.95 -42.34
CA LYS B 211 20.10 1.78 -41.69
C LYS B 211 21.24 2.42 -42.49
N ASN B 212 21.03 2.63 -43.79
CA ASN B 212 22.03 3.26 -44.63
C ASN B 212 21.92 4.78 -44.55
N THR B 213 20.90 5.28 -43.82
CA THR B 213 20.75 6.73 -43.64
C THR B 213 21.17 7.14 -42.23
N ILE B 214 21.60 6.18 -41.41
CA ILE B 214 21.94 6.46 -40.03
C ILE B 214 23.29 7.17 -40.00
N SER B 215 23.28 8.34 -39.39
CA SER B 215 24.48 9.05 -38.99
C SER B 215 24.49 9.07 -37.47
N LYS B 216 25.43 9.83 -36.89
CA LYS B 216 25.58 9.93 -35.46
C LYS B 216 24.88 11.20 -34.97
N GLU B 217 24.93 12.30 -35.73
CA GLU B 217 24.43 13.57 -35.24
C GLU B 217 23.42 14.22 -36.19
N LYS B 218 22.79 13.39 -37.03
CA LYS B 218 21.78 13.89 -37.96
C LYS B 218 20.67 12.86 -38.09
N ALA B 219 19.44 13.34 -38.34
CA ALA B 219 18.28 12.47 -38.44
C ALA B 219 18.46 11.45 -39.56
N ALA B 220 18.07 10.20 -39.32
CA ALA B 220 17.98 9.21 -40.36
C ALA B 220 16.67 9.41 -41.12
N ASP B 221 16.50 8.60 -42.17
CA ASP B 221 15.25 8.53 -42.90
C ASP B 221 14.48 7.28 -42.47
N TYR B 222 13.17 7.31 -42.71
CA TYR B 222 12.29 6.24 -42.28
C TYR B 222 11.42 5.80 -43.46
N THR B 223 11.31 4.47 -43.60
CA THR B 223 10.52 3.84 -44.63
C THR B 223 9.14 3.53 -44.04
N ASP B 224 8.15 4.32 -44.52
CA ASP B 224 6.77 4.31 -44.05
C ASP B 224 6.07 3.08 -44.61
N VAL B 225 4.85 2.84 -44.10
CA VAL B 225 4.09 1.65 -44.42
C VAL B 225 2.84 2.11 -45.17
N PRO B 226 2.60 1.62 -46.40
CA PRO B 226 1.47 2.12 -47.18
C PRO B 226 0.17 1.72 -46.47
N VAL B 227 0.08 0.44 -46.14
CA VAL B 227 -1.10 -0.12 -45.51
C VAL B 227 -0.67 -0.72 -44.18
N GLN B 228 -1.47 -0.46 -43.14
CA GLN B 228 -1.11 -0.84 -41.78
C GLN B 228 -1.28 -2.34 -41.60
N GLY B 229 -2.33 -2.92 -42.22
CA GLY B 229 -2.48 -4.37 -42.18
C GLY B 229 -3.79 -4.85 -42.81
N PHE B 230 -3.94 -6.17 -42.75
CA PHE B 230 -5.14 -6.88 -43.16
C PHE B 230 -5.49 -7.89 -42.07
N VAL B 231 -6.71 -7.84 -41.55
CA VAL B 231 -7.07 -8.64 -40.40
C VAL B 231 -7.18 -10.11 -40.79
N CYS B 232 -7.94 -10.37 -41.85
CA CYS B 232 -8.31 -11.71 -42.20
C CYS B 232 -7.90 -12.09 -43.63
N ALA B 233 -7.14 -13.18 -43.76
CA ALA B 233 -6.67 -13.65 -45.06
C ALA B 233 -7.08 -15.11 -45.28
N PRO B 234 -8.35 -15.38 -45.69
CA PRO B 234 -8.83 -16.75 -45.89
C PRO B 234 -8.44 -17.37 -47.22
N CYS B 235 -8.33 -18.71 -47.25
CA CYS B 235 -8.15 -19.49 -48.49
C CYS B 235 -9.26 -20.51 -48.62
N THR B 236 -10.45 -20.06 -48.24
CA THR B 236 -11.65 -20.85 -48.21
C THR B 236 -11.89 -21.56 -49.55
N PRO B 237 -12.04 -22.91 -49.54
CA PRO B 237 -12.59 -23.67 -50.67
C PRO B 237 -13.97 -23.21 -51.11
N GLU B 238 -14.27 -23.47 -52.38
CA GLU B 238 -15.34 -22.83 -53.12
C GLU B 238 -16.69 -23.02 -52.45
N ASP B 239 -16.91 -24.18 -51.87
CA ASP B 239 -18.23 -24.58 -51.41
C ASP B 239 -18.44 -24.15 -49.95
N GLU B 240 -17.35 -24.02 -49.18
CA GLU B 240 -17.44 -23.90 -47.73
C GLU B 240 -17.77 -22.46 -47.32
N PRO B 241 -18.45 -22.25 -46.17
CA PRO B 241 -18.81 -20.90 -45.72
C PRO B 241 -17.63 -20.06 -45.26
N GLY B 242 -16.61 -20.70 -44.69
CA GLY B 242 -15.39 -20.00 -44.32
C GLY B 242 -15.54 -19.21 -43.04
N ILE B 243 -14.95 -18.00 -43.02
CA ILE B 243 -14.76 -17.25 -41.79
C ILE B 243 -15.89 -16.23 -41.60
N ARG B 244 -16.52 -16.26 -40.43
CA ARG B 244 -17.55 -15.32 -40.04
C ARG B 244 -17.21 -14.66 -38.71
N PHE B 245 -17.23 -13.32 -38.70
CA PHE B 245 -17.09 -12.54 -37.48
C PHE B 245 -18.47 -12.03 -37.09
N ILE B 246 -18.87 -12.26 -35.84
CA ILE B 246 -20.21 -11.89 -35.41
C ILE B 246 -20.10 -11.12 -34.10
N ASP B 247 -20.70 -9.94 -34.08
CA ASP B 247 -20.76 -9.09 -32.90
C ASP B 247 -19.35 -8.86 -32.36
N CYS B 248 -18.38 -8.67 -33.28
CA CYS B 248 -16.99 -8.46 -32.91
C CYS B 248 -16.65 -6.97 -32.95
N ARG B 249 -15.67 -6.57 -32.16
CA ARG B 249 -15.21 -5.15 -32.16
C ARG B 249 -13.78 -5.08 -32.72
N PHE B 250 -13.57 -4.27 -33.75
CA PHE B 250 -12.26 -4.13 -34.35
C PHE B 250 -11.65 -2.82 -33.88
N ILE B 251 -10.55 -2.88 -33.11
CA ILE B 251 -9.93 -1.72 -32.50
C ILE B 251 -8.43 -1.74 -32.80
N THR B 252 -7.74 -0.66 -32.45
CA THR B 252 -6.31 -0.58 -32.66
C THR B 252 -5.62 0.03 -31.43
N ASP B 253 -4.31 -0.16 -31.35
CA ASP B 253 -3.49 0.52 -30.38
C ASP B 253 -3.28 1.96 -30.84
N ARG B 254 -2.75 2.16 -32.06
CA ARG B 254 -2.49 3.50 -32.53
C ARG B 254 -2.41 3.62 -34.05
N CYS B 255 -3.02 2.70 -34.79
CA CYS B 255 -3.02 2.78 -36.25
C CYS B 255 -3.75 4.05 -36.67
N PRO B 256 -3.28 4.73 -37.73
CA PRO B 256 -3.97 5.90 -38.26
C PRO B 256 -5.25 5.54 -39.04
N ASP B 257 -6.07 6.55 -39.26
CA ASP B 257 -7.41 6.35 -39.79
C ASP B 257 -7.30 5.74 -41.18
N SER B 258 -8.20 4.80 -41.45
CA SER B 258 -8.39 4.27 -42.79
C SER B 258 -7.11 3.62 -43.33
N SER B 259 -6.38 2.91 -42.46
CA SER B 259 -5.10 2.31 -42.83
C SER B 259 -5.16 0.78 -42.81
N VAL B 260 -6.32 0.22 -42.41
CA VAL B 260 -6.42 -1.23 -42.17
C VAL B 260 -7.62 -1.78 -42.94
N TYR B 261 -7.40 -2.91 -43.61
CA TYR B 261 -8.44 -3.63 -44.32
C TYR B 261 -8.90 -4.81 -43.47
N LEU B 262 -10.19 -5.12 -43.54
CA LEU B 262 -10.74 -6.24 -42.79
C LEU B 262 -10.25 -7.58 -43.35
N ALA B 263 -10.04 -7.63 -44.67
CA ALA B 263 -9.72 -8.89 -45.32
C ALA B 263 -9.07 -8.67 -46.67
N ARG B 264 -8.18 -9.61 -47.02
CA ARG B 264 -7.76 -9.77 -48.39
C ARG B 264 -7.69 -11.27 -48.67
N PRO B 265 -8.00 -11.71 -49.90
CA PRO B 265 -8.12 -13.12 -50.20
C PRO B 265 -6.76 -13.76 -50.43
N TRP B 266 -6.35 -14.60 -49.49
CA TRP B 266 -5.08 -15.30 -49.59
C TRP B 266 -5.11 -16.23 -50.81
N ARG B 267 -6.26 -16.88 -51.06
CA ARG B 267 -6.57 -17.56 -52.31
C ARG B 267 -7.84 -16.98 -52.92
N GLU B 268 -7.94 -17.11 -54.27
CA GLU B 268 -8.92 -16.46 -55.11
C GLU B 268 -10.30 -16.39 -54.45
N LYS B 269 -10.76 -17.51 -53.87
CA LYS B 269 -12.15 -17.66 -53.47
C LYS B 269 -12.33 -17.62 -51.95
N GLY B 270 -11.40 -16.97 -51.23
CA GLY B 270 -11.51 -16.84 -49.78
C GLY B 270 -12.78 -16.12 -49.34
N ALA B 271 -13.30 -16.50 -48.17
CA ALA B 271 -14.58 -16.00 -47.69
C ALA B 271 -14.42 -15.48 -46.27
N ALA B 272 -14.93 -14.26 -46.04
CA ALA B 272 -14.95 -13.65 -44.72
C ALA B 272 -16.17 -12.73 -44.63
N SER B 273 -17.03 -12.95 -43.63
CA SER B 273 -18.19 -12.10 -43.45
C SER B 273 -18.16 -11.46 -42.05
N PHE B 274 -18.72 -10.26 -41.96
CA PHE B 274 -18.73 -9.50 -40.74
C PHE B 274 -20.19 -9.13 -40.45
N GLU B 275 -20.76 -9.72 -39.39
CA GLU B 275 -22.17 -9.57 -39.08
CA GLU B 275 -22.17 -9.55 -39.09
C GLU B 275 -22.29 -8.78 -37.78
N ASN B 276 -22.88 -7.58 -37.86
CA ASN B 276 -23.16 -6.74 -36.71
C ASN B 276 -21.87 -6.42 -35.96
N CYS B 277 -20.79 -6.16 -36.69
CA CYS B 277 -19.50 -5.89 -36.08
C CYS B 277 -19.38 -4.40 -35.93
N SER B 278 -18.52 -3.92 -35.03
CA SER B 278 -18.22 -2.50 -34.96
C SER B 278 -16.76 -2.26 -35.32
N PHE B 279 -16.53 -1.24 -36.15
CA PHE B 279 -15.23 -0.97 -36.74
C PHE B 279 -14.72 0.38 -36.24
N GLY B 280 -13.54 0.39 -35.61
CA GLY B 280 -12.87 1.63 -35.27
C GLY B 280 -12.42 2.35 -36.53
N SER B 281 -12.05 3.62 -36.40
CA SER B 281 -11.82 4.45 -37.56
C SER B 281 -10.48 4.13 -38.25
N HIS B 282 -9.75 3.14 -37.76
CA HIS B 282 -8.57 2.67 -38.46
C HIS B 282 -8.95 1.81 -39.67
N ILE B 283 -10.21 1.35 -39.68
CA ILE B 283 -10.67 0.47 -40.74
C ILE B 283 -11.03 1.31 -41.96
N HIS B 284 -10.45 0.93 -43.11
CA HIS B 284 -10.67 1.61 -44.39
C HIS B 284 -12.14 1.48 -44.80
N PRO B 285 -12.79 2.56 -45.26
CA PRO B 285 -14.22 2.52 -45.62
C PRO B 285 -14.59 1.54 -46.72
N ASP B 286 -13.59 1.14 -47.53
CA ASP B 286 -13.76 0.16 -48.60
C ASP B 286 -13.76 -1.26 -48.03
N LEU B 287 -13.23 -1.45 -46.81
CA LEU B 287 -13.33 -2.66 -46.00
C LEU B 287 -12.37 -3.74 -46.48
N PHE B 288 -12.40 -4.03 -47.78
CA PHE B 288 -11.72 -5.21 -48.30
C PHE B 288 -10.68 -4.83 -49.34
N ALA B 289 -9.58 -5.56 -49.35
CA ALA B 289 -8.45 -5.34 -50.23
C ALA B 289 -8.26 -6.53 -51.14
N GLY B 290 -7.84 -6.25 -52.38
CA GLY B 290 -7.36 -7.31 -53.27
C GLY B 290 -6.02 -7.87 -52.78
N TRP B 291 -5.63 -9.02 -53.34
CA TRP B 291 -4.35 -9.63 -53.04
C TRP B 291 -3.27 -9.10 -53.97
N LYS B 292 -3.50 -9.25 -55.29
CA LYS B 292 -2.58 -8.78 -56.32
C LYS B 292 -2.44 -7.26 -56.22
N ASP B 293 -3.58 -6.57 -56.11
CA ASP B 293 -3.69 -5.13 -56.08
C ASP B 293 -4.68 -4.72 -55.00
N ILE B 294 -4.20 -4.04 -53.96
CA ILE B 294 -5.03 -3.61 -52.83
C ILE B 294 -6.32 -2.92 -53.31
N TYR B 295 -6.28 -2.26 -54.47
CA TYR B 295 -7.36 -1.39 -54.93
C TYR B 295 -8.26 -2.10 -55.95
N ASP B 296 -8.01 -3.39 -56.21
CA ASP B 296 -8.77 -4.17 -57.17
C ASP B 296 -9.04 -5.55 -56.56
N LEU B 297 -10.22 -5.70 -55.93
CA LEU B 297 -10.58 -6.93 -55.25
C LEU B 297 -11.00 -7.97 -56.27
N GLU B 298 -10.31 -9.11 -56.27
CA GLU B 298 -10.61 -10.18 -57.21
C GLU B 298 -12.09 -10.53 -57.03
N LYS B 299 -12.79 -10.67 -58.16
CA LYS B 299 -14.25 -10.70 -58.20
C LYS B 299 -14.76 -12.02 -57.61
N THR B 300 -13.86 -12.99 -57.43
CA THR B 300 -14.20 -14.32 -56.94
C THR B 300 -14.15 -14.38 -55.41
N ALA B 301 -13.68 -13.31 -54.76
CA ALA B 301 -13.65 -13.28 -53.30
C ALA B 301 -15.07 -13.17 -52.76
N ARG B 302 -15.29 -13.75 -51.58
CA ARG B 302 -16.59 -13.72 -50.94
C ARG B 302 -16.53 -12.96 -49.62
N PHE B 303 -16.52 -11.64 -49.72
CA PHE B 303 -16.41 -10.75 -48.59
C PHE B 303 -17.71 -9.97 -48.44
N LYS B 304 -18.30 -9.98 -47.26
CA LYS B 304 -19.57 -9.32 -47.03
C LYS B 304 -19.57 -8.70 -45.64
N ASN B 305 -20.28 -7.57 -45.53
CA ASN B 305 -20.48 -6.91 -44.26
C ASN B 305 -21.98 -6.71 -44.09
N LEU B 306 -22.59 -7.44 -43.13
CA LEU B 306 -24.05 -7.50 -43.00
C LEU B 306 -24.52 -6.66 -41.80
N SER C 19 -6.21 18.76 12.59
CA SER C 19 -6.43 19.99 11.78
C SER C 19 -7.24 19.72 10.50
N HIS C 20 -6.68 19.22 9.38
CA HIS C 20 -7.47 19.22 8.14
C HIS C 20 -7.26 17.96 7.30
N MET C 21 -8.22 17.70 6.41
CA MET C 21 -8.18 16.59 5.46
C MET C 21 -7.91 17.11 4.06
N LEU C 22 -7.29 16.29 3.22
CA LEU C 22 -7.03 16.61 1.83
C LEU C 22 -7.39 15.44 0.94
N GLU C 23 -8.03 15.70 -0.19
CA GLU C 23 -8.30 14.64 -1.13
C GLU C 23 -7.04 14.32 -1.94
N MET C 24 -6.70 13.05 -2.11
CA MET C 24 -5.47 12.64 -2.77
C MET C 24 -5.85 12.01 -4.10
N LYS C 25 -4.89 11.92 -5.02
CA LYS C 25 -5.21 11.42 -6.35
C LYS C 25 -4.89 9.93 -6.40
N LYS C 26 -5.92 9.11 -6.62
CA LYS C 26 -5.76 7.68 -6.79
C LYS C 26 -6.63 7.24 -7.97
N ILE C 27 -6.03 6.52 -8.92
CA ILE C 27 -6.70 6.17 -10.17
C ILE C 27 -6.74 4.66 -10.34
N PHE C 28 -7.93 4.16 -10.65
CA PHE C 28 -8.12 2.76 -11.00
C PHE C 28 -8.12 2.56 -12.51
N PHE C 29 -7.35 1.58 -12.95
CA PHE C 29 -7.35 1.19 -14.34
C PHE C 29 -8.07 -0.15 -14.46
N SER C 30 -9.18 -0.14 -15.20
CA SER C 30 -10.04 -1.30 -15.36
C SER C 30 -9.22 -2.46 -15.90
N ASN C 31 -9.77 -3.67 -15.78
CA ASN C 31 -9.23 -4.81 -16.49
C ASN C 31 -9.27 -4.46 -17.99
N GLY C 32 -8.35 -5.04 -18.75
CA GLY C 32 -8.17 -4.72 -20.16
C GLY C 32 -6.81 -4.07 -20.42
N THR C 33 -6.55 -3.79 -21.70
CA THR C 33 -5.37 -3.04 -22.11
C THR C 33 -5.76 -1.57 -22.34
N HIS C 34 -5.01 -0.65 -21.74
CA HIS C 34 -5.19 0.78 -21.98
C HIS C 34 -4.00 1.29 -22.80
N TYR C 35 -4.25 1.63 -24.07
CA TYR C 35 -3.19 2.04 -24.98
C TYR C 35 -3.00 3.55 -24.86
N GLN C 36 -2.04 4.00 -24.05
CA GLN C 36 -1.74 5.41 -24.00
C GLN C 36 -0.41 5.70 -23.33
N LYS C 37 0.15 6.85 -23.69
CA LYS C 37 1.40 7.34 -23.14
C LYS C 37 1.03 8.24 -21.97
N LEU C 38 1.39 7.84 -20.77
CA LEU C 38 0.96 8.54 -19.58
C LEU C 38 2.12 9.40 -19.12
N TYR C 39 1.86 10.70 -18.96
CA TYR C 39 2.86 11.66 -18.54
C TYR C 39 2.39 12.42 -17.30
N PHE C 40 2.76 11.92 -16.12
CA PHE C 40 2.31 12.46 -14.85
C PHE C 40 3.37 13.40 -14.30
N ASP C 41 3.34 14.64 -14.81
CA ASP C 41 4.35 15.65 -14.56
C ASP C 41 3.76 16.75 -13.67
N GLU C 42 4.53 17.83 -13.48
CA GLU C 42 4.06 18.98 -12.72
C GLU C 42 2.79 19.58 -13.34
N GLU C 43 2.74 19.70 -14.67
CA GLU C 43 1.59 20.27 -15.35
C GLU C 43 0.31 19.47 -15.05
N TYR C 44 0.40 18.12 -14.99
CA TYR C 44 -0.73 17.24 -14.68
C TYR C 44 -1.24 17.53 -13.28
N TYR C 45 -0.32 17.70 -12.33
CA TYR C 45 -0.69 17.92 -10.94
C TYR C 45 -1.35 19.27 -10.76
N LYS C 46 -0.82 20.32 -11.42
CA LYS C 46 -1.41 21.64 -11.31
C LYS C 46 -2.82 21.64 -11.93
N ASN C 47 -2.99 20.97 -13.07
CA ASN C 47 -4.25 20.99 -13.77
C ASN C 47 -5.30 20.10 -13.09
N ASN C 48 -4.89 19.12 -12.27
CA ASN C 48 -5.85 18.27 -11.57
C ASN C 48 -5.87 18.63 -10.08
N ASN C 49 -5.29 19.78 -9.74
CA ASN C 49 -5.32 20.30 -8.37
C ASN C 49 -4.80 19.28 -7.36
N VAL C 50 -3.74 18.53 -7.71
CA VAL C 50 -3.13 17.58 -6.79
C VAL C 50 -2.02 18.32 -6.04
N THR C 51 -2.38 18.95 -4.90
CA THR C 51 -1.50 19.95 -4.32
C THR C 51 -0.31 19.28 -3.63
N ASP C 52 -0.38 17.95 -3.40
CA ASP C 52 0.69 17.20 -2.75
C ASP C 52 1.54 16.43 -3.79
N ASN C 53 1.26 16.67 -5.09
CA ASN C 53 2.09 16.17 -6.18
C ASN C 53 2.44 14.70 -5.99
N SER C 54 1.41 13.90 -5.72
CA SER C 54 1.60 12.49 -5.46
C SER C 54 0.51 11.71 -6.17
N LEU C 55 0.86 10.52 -6.61
CA LEU C 55 -0.05 9.75 -7.44
C LEU C 55 -0.04 8.29 -6.99
N HIS C 56 -1.25 7.73 -6.93
CA HIS C 56 -1.44 6.32 -6.65
C HIS C 56 -2.21 5.74 -7.81
N ILE C 57 -1.64 4.72 -8.45
CA ILE C 57 -2.32 4.01 -9.53
C ILE C 57 -2.56 2.57 -9.10
N LYS C 58 -3.74 2.10 -9.46
CA LYS C 58 -4.20 0.77 -9.09
C LYS C 58 -4.84 0.12 -10.31
N GLY C 59 -4.50 -1.15 -10.55
CA GLY C 59 -5.23 -1.94 -11.52
C GLY C 59 -6.06 -3.04 -10.84
N ALA C 60 -6.65 -3.88 -11.71
CA ALA C 60 -7.53 -4.97 -11.34
C ALA C 60 -6.72 -6.26 -11.11
N GLY C 61 -5.40 -6.15 -11.13
CA GLY C 61 -4.55 -7.31 -10.99
C GLY C 61 -3.35 -7.24 -11.94
N MET C 62 -2.26 -7.83 -11.49
CA MET C 62 -0.97 -7.68 -12.13
C MET C 62 -1.10 -7.96 -13.63
N ASP C 63 -1.86 -8.97 -14.07
CA ASP C 63 -1.86 -9.13 -15.51
C ASP C 63 -3.25 -8.95 -16.13
N VAL C 64 -4.26 -8.60 -15.33
CA VAL C 64 -5.58 -8.43 -15.88
C VAL C 64 -5.74 -6.98 -16.34
N THR C 65 -4.92 -6.07 -15.80
CA THR C 65 -4.85 -4.69 -16.27
C THR C 65 -3.48 -4.42 -16.90
N THR C 66 -3.48 -3.79 -18.09
CA THR C 66 -2.25 -3.51 -18.82
C THR C 66 -2.25 -2.08 -19.36
N ILE C 67 -1.20 -1.32 -19.02
CA ILE C 67 -0.96 -0.01 -19.61
C ILE C 67 0.10 -0.16 -20.69
N SER C 68 -0.19 0.33 -21.90
CA SER C 68 0.56 -0.08 -23.06
C SER C 68 0.79 1.05 -24.06
N TRP C 69 2.03 1.18 -24.52
CA TRP C 69 2.43 2.03 -25.63
C TRP C 69 3.69 1.44 -26.25
N SER C 70 4.19 2.06 -27.33
CA SER C 70 5.17 1.42 -28.19
C SER C 70 6.12 2.42 -28.87
N ASP C 71 6.50 3.48 -28.15
CA ASP C 71 7.49 4.44 -28.64
C ASP C 71 8.88 3.89 -28.36
N GLY C 72 9.79 4.07 -29.34
CA GLY C 72 11.18 3.63 -29.22
C GLY C 72 12.17 4.75 -29.52
N GLY C 73 13.34 4.67 -28.89
CA GLY C 73 14.32 5.74 -28.95
C GLY C 73 14.79 6.06 -30.37
N PHE C 74 14.74 5.09 -31.29
CA PHE C 74 15.24 5.30 -32.63
C PHE C 74 14.14 5.83 -33.54
N ASP C 75 12.93 6.04 -33.02
CA ASP C 75 11.84 6.53 -33.85
C ASP C 75 12.12 7.96 -34.29
N LYS C 76 11.34 8.46 -35.27
CA LYS C 76 11.40 9.84 -35.71
C LYS C 76 11.23 10.75 -34.49
N ALA C 77 11.93 11.88 -34.49
CA ALA C 77 11.70 12.91 -33.49
C ALA C 77 10.30 13.46 -33.71
N PRO C 78 9.48 13.63 -32.65
CA PRO C 78 8.13 14.16 -32.84
C PRO C 78 8.11 15.68 -33.00
N ASP C 79 9.27 16.34 -32.80
CA ASP C 79 9.33 17.79 -32.84
C ASP C 79 10.74 18.21 -33.25
N ASP C 80 10.99 19.52 -33.12
CA ASP C 80 12.25 20.13 -33.51
C ASP C 80 13.36 19.79 -32.52
N LYS C 81 13.07 18.91 -31.58
CA LYS C 81 14.10 18.62 -30.56
C LYS C 81 14.69 17.23 -30.82
N GLY C 82 15.99 17.18 -31.07
CA GLY C 82 16.67 15.91 -31.28
C GLY C 82 16.60 15.46 -32.74
N ILE C 83 17.37 14.42 -33.05
CA ILE C 83 17.40 13.80 -34.37
C ILE C 83 16.55 12.51 -34.36
N LYS C 84 16.06 12.16 -33.17
CA LYS C 84 15.30 10.94 -32.97
C LYS C 84 14.52 11.11 -31.68
N LEU C 85 13.59 10.19 -31.43
CA LEU C 85 12.72 10.34 -30.28
C LEU C 85 13.56 10.37 -29.00
N GLY C 86 14.46 9.39 -28.85
CA GLY C 86 15.36 9.29 -27.71
C GLY C 86 14.84 8.33 -26.63
N THR C 87 15.79 7.70 -25.94
CA THR C 87 15.55 6.89 -24.77
C THR C 87 14.55 7.54 -23.81
N PHE C 88 14.82 8.80 -23.43
CA PHE C 88 14.14 9.36 -22.27
C PHE C 88 12.86 10.05 -22.72
N ARG C 89 12.54 9.98 -24.01
CA ARG C 89 11.19 10.27 -24.44
C ARG C 89 10.44 9.00 -24.86
N SER C 90 11.00 7.80 -24.63
CA SER C 90 10.39 6.57 -25.12
C SER C 90 9.30 6.00 -24.21
N TYR C 91 9.12 6.56 -23.00
CA TYR C 91 8.42 5.92 -21.90
C TYR C 91 6.96 5.64 -22.25
N THR C 92 6.44 4.50 -21.79
CA THR C 92 4.99 4.30 -21.77
C THR C 92 4.37 5.10 -20.64
N MET C 93 5.00 5.06 -19.44
CA MET C 93 4.53 5.87 -18.32
C MET C 93 5.71 6.62 -17.72
N PHE C 94 5.53 7.94 -17.55
CA PHE C 94 6.42 8.75 -16.72
C PHE C 94 5.66 9.18 -15.47
N VAL C 95 6.28 9.04 -14.30
CA VAL C 95 5.68 9.59 -13.11
C VAL C 95 6.71 10.35 -12.26
N SER C 96 6.34 11.55 -11.80
CA SER C 96 7.19 12.37 -10.95
C SER C 96 6.41 12.81 -9.69
N GLY C 97 6.97 13.76 -8.95
CA GLY C 97 6.33 14.33 -7.79
C GLY C 97 7.01 13.84 -6.52
N ASN C 98 6.29 13.95 -5.40
CA ASN C 98 6.86 13.56 -4.12
C ASN C 98 6.79 12.05 -3.96
N GLU C 99 5.68 11.46 -4.40
CA GLU C 99 5.49 10.04 -4.19
C GLU C 99 4.60 9.46 -5.30
N ALA C 100 4.98 8.25 -5.71
CA ALA C 100 4.19 7.49 -6.66
C ALA C 100 4.04 6.07 -6.13
N ILE C 101 2.83 5.55 -6.27
CA ILE C 101 2.59 4.18 -5.87
C ILE C 101 1.85 3.54 -7.03
N ILE C 102 2.27 2.32 -7.39
CA ILE C 102 1.65 1.63 -8.50
C ILE C 102 1.39 0.21 -8.06
N GLU C 103 0.14 -0.25 -8.19
CA GLU C 103 -0.20 -1.57 -7.72
C GLU C 103 -1.05 -2.33 -8.75
N ASP C 104 -0.75 -3.64 -8.87
CA ASP C 104 -1.66 -4.62 -9.44
C ASP C 104 -2.02 -4.28 -10.89
N LEU C 105 -0.99 -4.05 -11.70
CA LEU C 105 -1.18 -3.90 -13.14
C LEU C 105 0.14 -4.18 -13.85
N THR C 106 0.05 -4.18 -15.19
CA THR C 106 1.18 -4.36 -16.06
C THR C 106 1.46 -3.03 -16.77
N ILE C 107 2.72 -2.67 -16.89
CA ILE C 107 3.05 -1.57 -17.75
C ILE C 107 4.04 -2.09 -18.78
N GLU C 108 3.77 -1.83 -20.07
CA GLU C 108 4.61 -2.40 -21.10
C GLU C 108 4.96 -1.36 -22.14
N ASN C 109 6.18 -1.48 -22.66
CA ASN C 109 6.57 -0.86 -23.92
C ASN C 109 6.73 -1.97 -24.96
N THR C 110 5.92 -1.92 -26.03
CA THR C 110 5.91 -3.02 -26.99
C THR C 110 6.66 -2.64 -28.26
N ALA C 111 7.54 -1.64 -28.22
CA ALA C 111 8.28 -1.25 -29.40
C ALA C 111 9.04 -2.44 -29.96
N GLY C 112 9.78 -3.13 -29.08
CA GLY C 112 10.40 -4.39 -29.41
C GLY C 112 11.92 -4.34 -29.32
N ASP C 113 12.56 -5.24 -30.10
CA ASP C 113 14.00 -5.43 -30.08
C ASP C 113 14.71 -4.10 -30.23
N GLY C 114 15.66 -3.85 -29.31
CA GLY C 114 16.38 -2.60 -29.23
C GLY C 114 17.30 -2.38 -30.43
N ARG C 115 17.71 -3.49 -31.05
CA ARG C 115 18.50 -3.43 -32.27
C ARG C 115 17.69 -2.83 -33.41
N ILE C 116 16.35 -2.75 -33.31
CA ILE C 116 15.60 -2.21 -34.44
C ILE C 116 14.93 -0.89 -34.08
N ARG C 117 14.35 -0.80 -32.89
CA ARG C 117 13.55 0.35 -32.48
C ARG C 117 14.32 1.18 -31.44
N GLY C 118 15.41 0.62 -30.90
CA GLY C 118 16.22 1.31 -29.93
C GLY C 118 15.71 1.11 -28.51
N GLN C 119 16.21 1.93 -27.59
CA GLN C 119 15.79 1.92 -26.20
C GLN C 119 14.32 2.29 -26.11
N ALA C 120 13.58 1.63 -25.21
CA ALA C 120 12.16 1.83 -25.12
C ALA C 120 11.69 1.54 -23.68
N ILE C 121 11.45 2.62 -22.91
CA ILE C 121 11.15 2.53 -21.50
C ILE C 121 9.68 2.18 -21.29
N ALA C 122 9.41 1.24 -20.38
CA ALA C 122 8.05 1.06 -19.89
C ALA C 122 7.76 2.10 -18.80
N LEU C 123 8.56 2.13 -17.73
CA LEU C 123 8.32 3.07 -16.65
C LEU C 123 9.51 4.01 -16.44
N TYR C 124 9.27 5.32 -16.62
CA TYR C 124 10.21 6.35 -16.21
C TYR C 124 9.80 6.78 -14.80
N ALA C 125 10.48 6.20 -13.79
CA ALA C 125 10.10 6.39 -12.39
C ALA C 125 10.94 7.51 -11.80
N ASP C 126 10.37 8.72 -11.70
CA ASP C 126 11.13 9.93 -11.32
C ASP C 126 10.76 10.50 -9.95
N ALA C 127 9.66 10.06 -9.36
CA ALA C 127 9.17 10.62 -8.09
C ALA C 127 10.17 10.36 -6.98
N SER C 128 10.20 11.23 -5.96
CA SER C 128 11.19 11.12 -4.90
C SER C 128 11.09 9.78 -4.21
N LYS C 129 9.84 9.33 -3.99
CA LYS C 129 9.52 8.01 -3.42
C LYS C 129 8.68 7.25 -4.42
N VAL C 130 9.11 6.03 -4.74
CA VAL C 130 8.36 5.18 -5.65
C VAL C 130 8.14 3.84 -4.98
N THR C 131 6.88 3.40 -4.96
CA THR C 131 6.54 2.07 -4.50
C THR C 131 5.72 1.37 -5.56
N CYS C 132 6.17 0.17 -5.94
CA CYS C 132 5.45 -0.68 -6.85
C CYS C 132 5.18 -2.01 -6.15
N ARG C 133 3.90 -2.39 -6.04
CA ARG C 133 3.54 -3.70 -5.55
C ARG C 133 2.80 -4.48 -6.63
N ARG C 134 3.26 -5.70 -6.90
CA ARG C 134 2.60 -6.63 -7.81
C ARG C 134 2.40 -5.98 -9.17
N VAL C 135 3.47 -5.37 -9.67
CA VAL C 135 3.48 -4.75 -10.99
C VAL C 135 4.37 -5.58 -11.90
N HIS C 136 3.93 -5.71 -13.16
CA HIS C 136 4.65 -6.42 -14.21
C HIS C 136 5.14 -5.38 -15.20
N LEU C 137 6.46 -5.24 -15.32
CA LEU C 137 7.07 -4.31 -16.25
C LEU C 137 7.64 -5.09 -17.44
N LYS C 138 7.24 -4.71 -18.65
CA LYS C 138 7.65 -5.42 -19.85
C LYS C 138 8.27 -4.45 -20.85
N GLY C 139 9.47 -4.81 -21.30
CA GLY C 139 10.10 -4.28 -22.49
C GLY C 139 11.31 -5.12 -22.89
N HIS C 140 12.23 -4.51 -23.67
CA HIS C 140 13.45 -5.17 -24.11
C HIS C 140 14.64 -4.41 -23.52
N GLN C 141 15.06 -3.36 -24.22
CA GLN C 141 16.18 -2.55 -23.78
C GLN C 141 15.66 -1.35 -22.99
N ASP C 142 16.19 -1.18 -21.76
CA ASP C 142 15.91 -0.06 -20.85
C ASP C 142 14.47 -0.07 -20.36
N THR C 143 13.96 -1.25 -19.96
CA THR C 143 12.56 -1.36 -19.59
C THR C 143 12.21 -0.43 -18.44
N LEU C 144 12.97 -0.50 -17.34
CA LEU C 144 12.70 0.33 -16.19
C LEU C 144 13.83 1.31 -15.96
N PHE C 145 13.47 2.61 -15.94
CA PHE C 145 14.40 3.68 -15.61
C PHE C 145 14.00 4.39 -14.31
N MET C 146 14.98 4.47 -13.39
CA MET C 146 14.81 5.11 -12.08
C MET C 146 15.72 6.35 -11.99
N SER C 147 15.11 7.52 -11.85
CA SER C 147 15.86 8.75 -11.68
C SER C 147 16.81 8.64 -10.48
N PRO C 148 17.97 9.34 -10.46
CA PRO C 148 18.35 10.33 -11.47
C PRO C 148 19.15 9.81 -12.67
N LEU C 149 19.25 10.70 -13.67
CA LEU C 149 20.22 10.56 -14.73
C LEU C 149 21.65 10.68 -14.18
N PRO C 150 22.64 10.09 -14.88
CA PRO C 150 24.05 10.42 -14.68
C PRO C 150 24.30 11.91 -14.82
N LEU C 151 25.47 12.36 -14.34
CA LEU C 151 25.77 13.78 -14.29
C LEU C 151 25.80 14.36 -15.71
N THR C 152 26.53 13.71 -16.62
CA THR C 152 26.70 14.21 -17.96
C THR C 152 26.39 13.12 -18.99
N GLU C 153 25.82 13.57 -20.12
CA GLU C 153 25.46 12.73 -21.25
C GLU C 153 26.75 12.24 -21.90
N ARG C 154 26.77 10.99 -22.36
CA ARG C 154 27.93 10.47 -23.09
C ARG C 154 27.78 10.80 -24.59
N GLU C 155 26.56 10.74 -25.14
CA GLU C 155 26.34 11.15 -26.52
C GLU C 155 25.44 12.38 -26.59
N LYS C 156 25.60 13.16 -27.66
CA LYS C 156 24.92 14.45 -27.78
C LYS C 156 23.42 14.17 -27.79
N GLY C 157 22.69 14.90 -26.95
CA GLY C 157 21.24 14.83 -26.92
C GLY C 157 20.70 13.58 -26.24
N GLY C 158 21.59 12.80 -25.62
CA GLY C 158 21.25 11.48 -25.11
C GLY C 158 20.18 11.50 -24.02
N PHE C 159 20.01 12.67 -23.37
CA PHE C 159 19.10 12.79 -22.24
C PHE C 159 17.87 13.62 -22.61
N ILE C 160 17.67 13.97 -23.89
CA ILE C 160 16.50 14.73 -24.28
C ILE C 160 15.26 14.04 -23.71
N GLY C 161 14.38 14.81 -23.07
CA GLY C 161 13.27 14.23 -22.33
C GLY C 161 12.83 15.13 -21.17
N PRO C 162 11.91 14.67 -20.30
CA PRO C 162 11.34 15.52 -19.25
C PRO C 162 12.33 16.09 -18.24
N ARG C 163 13.47 15.42 -18.04
CA ARG C 163 14.37 15.77 -16.94
C ARG C 163 15.76 16.13 -17.48
N GLU C 164 15.84 16.43 -18.77
CA GLU C 164 17.11 16.64 -19.45
C GLU C 164 17.92 17.72 -18.73
N ASN C 165 17.24 18.82 -18.41
CA ASN C 165 17.86 20.00 -17.85
C ASN C 165 17.46 20.20 -16.39
N SER C 166 16.70 19.26 -15.82
CA SER C 166 16.33 19.31 -14.42
C SER C 166 17.53 18.95 -13.54
N PRO C 167 17.54 19.30 -12.23
CA PRO C 167 18.60 18.82 -11.35
C PRO C 167 18.57 17.29 -11.23
N ARG C 168 19.73 16.72 -10.89
CA ARG C 168 19.86 15.30 -10.71
C ARG C 168 19.47 14.93 -9.27
N LEU C 169 18.18 14.99 -8.98
CA LEU C 169 17.65 14.59 -7.68
C LEU C 169 17.66 13.07 -7.51
N MET C 170 18.11 12.65 -6.34
CA MET C 170 18.07 11.25 -5.92
C MET C 170 16.62 10.83 -5.63
N THR C 171 16.32 9.56 -5.85
CA THR C 171 15.02 8.99 -5.54
C THR C 171 15.22 7.71 -4.73
N THR C 172 14.15 7.29 -4.04
CA THR C 172 14.12 6.07 -3.24
C THR C 172 12.96 5.21 -3.73
N GLN C 173 13.24 3.95 -4.07
CA GLN C 173 12.27 3.12 -4.77
C GLN C 173 12.21 1.73 -4.15
N TYR C 174 10.98 1.22 -3.97
CA TYR C 174 10.75 -0.14 -3.51
C TYR C 174 9.86 -0.87 -4.53
N TYR C 175 10.30 -2.07 -4.94
CA TYR C 175 9.55 -2.93 -5.85
C TYR C 175 9.31 -4.26 -5.14
N GLU C 176 8.02 -4.59 -4.90
CA GLU C 176 7.67 -5.77 -4.12
C GLU C 176 6.76 -6.69 -4.95
N ASP C 177 7.15 -7.96 -5.02
CA ASP C 177 6.40 -8.98 -5.74
C ASP C 177 6.10 -8.53 -7.16
N CYS C 178 7.13 -7.99 -7.82
CA CYS C 178 6.97 -7.50 -9.17
C CYS C 178 7.59 -8.51 -10.13
N ILE C 179 7.23 -8.39 -11.41
CA ILE C 179 7.93 -9.09 -12.47
C ILE C 179 8.50 -8.05 -13.43
N ILE C 180 9.79 -8.17 -13.76
CA ILE C 180 10.43 -7.21 -14.63
C ILE C 180 11.18 -7.96 -15.73
N GLU C 181 10.92 -7.58 -16.99
CA GLU C 181 11.45 -8.30 -18.13
C GLU C 181 12.26 -7.37 -19.01
N GLY C 182 13.31 -7.95 -19.61
CA GLY C 182 14.01 -7.31 -20.71
C GLY C 182 15.31 -8.04 -21.05
N ASP C 183 16.20 -7.32 -21.72
CA ASP C 183 17.50 -7.93 -22.12
C ASP C 183 18.68 -7.02 -21.77
N VAL C 184 18.69 -5.79 -22.28
CA VAL C 184 19.87 -4.95 -22.16
C VAL C 184 19.55 -3.77 -21.26
N ASP C 185 20.29 -3.72 -20.14
CA ASP C 185 20.18 -2.64 -19.16
C ASP C 185 18.73 -2.34 -18.80
N PHE C 186 17.96 -3.38 -18.43
CA PHE C 186 16.52 -3.19 -18.38
C PHE C 186 16.07 -2.76 -16.98
N ILE C 187 17.00 -2.75 -16.00
CA ILE C 187 16.82 -1.97 -14.80
C ILE C 187 18.02 -1.03 -14.65
N PHE C 188 17.80 0.28 -14.81
CA PHE C 188 18.91 1.22 -14.80
C PHE C 188 18.52 2.58 -14.21
N GLY C 189 19.55 3.39 -13.94
CA GLY C 189 19.38 4.69 -13.31
C GLY C 189 20.27 4.87 -12.06
N GLY C 190 20.10 6.01 -11.37
CA GLY C 190 20.93 6.33 -10.21
C GLY C 190 20.17 6.20 -8.88
N ALA C 191 18.93 5.67 -8.92
CA ALA C 191 18.09 5.56 -7.72
C ALA C 191 18.72 4.64 -6.68
N ASN C 192 18.38 4.92 -5.43
CA ASN C 192 18.44 3.93 -4.36
C ASN C 192 17.17 3.08 -4.46
N ALA C 193 17.34 1.80 -4.73
CA ALA C 193 16.19 0.98 -5.04
C ALA C 193 16.33 -0.38 -4.38
N VAL C 194 15.20 -0.91 -3.90
CA VAL C 194 15.15 -2.30 -3.47
C VAL C 194 14.15 -3.07 -4.32
N PHE C 195 14.60 -4.20 -4.85
CA PHE C 195 13.71 -5.19 -5.44
C PHE C 195 13.58 -6.35 -4.45
N LYS C 196 12.35 -6.59 -3.98
CA LYS C 196 12.10 -7.56 -2.94
C LYS C 196 11.13 -8.62 -3.45
N ASN C 197 11.61 -9.87 -3.54
CA ASN C 197 10.81 -11.01 -3.94
C ASN C 197 10.29 -10.80 -5.36
N CYS C 198 11.15 -10.29 -6.25
CA CYS C 198 10.77 -10.04 -7.62
C CYS C 198 11.27 -11.16 -8.52
N THR C 199 10.55 -11.37 -9.63
CA THR C 199 10.98 -12.27 -10.67
C THR C 199 11.59 -11.42 -11.78
N ILE C 200 12.86 -11.68 -12.12
CA ILE C 200 13.58 -10.85 -13.07
C ILE C 200 13.87 -11.73 -14.28
N VAL C 201 13.23 -11.39 -15.41
CA VAL C 201 13.20 -12.24 -16.60
C VAL C 201 14.11 -11.66 -17.68
N SER C 202 15.19 -12.40 -18.02
CA SER C 202 16.05 -12.08 -19.14
C SER C 202 15.47 -12.66 -20.44
N LEU C 203 15.20 -11.79 -21.43
CA LEU C 203 14.61 -12.19 -22.69
C LEU C 203 15.70 -12.44 -23.74
N TYR C 204 15.52 -13.58 -24.44
CA TYR C 204 16.41 -14.03 -25.48
C TYR C 204 16.42 -13.04 -26.63
N ARG C 205 17.63 -12.80 -27.16
CA ARG C 205 17.84 -11.94 -28.31
C ARG C 205 18.32 -12.83 -29.43
N ALA C 206 17.43 -13.07 -30.42
CA ALA C 206 17.66 -14.05 -31.44
C ALA C 206 18.58 -13.47 -32.52
N PRO C 207 19.38 -14.31 -33.20
CA PRO C 207 20.09 -13.89 -34.40
C PRO C 207 19.18 -13.18 -35.39
N LEU C 208 19.65 -12.07 -35.94
CA LEU C 208 18.88 -11.33 -36.93
C LEU C 208 19.38 -11.64 -38.33
N ILE C 209 18.42 -11.92 -39.22
CA ILE C 209 18.67 -12.25 -40.61
C ILE C 209 19.22 -11.00 -41.29
N ASP C 210 20.26 -11.19 -42.12
CA ASP C 210 20.74 -10.16 -43.02
C ASP C 210 19.96 -10.28 -44.33
N LYS C 211 19.10 -9.29 -44.59
CA LYS C 211 18.10 -9.38 -45.65
C LYS C 211 18.76 -9.33 -47.04
N ASN C 212 19.99 -8.81 -47.12
CA ASN C 212 20.70 -8.76 -48.39
C ASN C 212 21.44 -10.07 -48.65
N THR C 213 21.32 -11.03 -47.71
CA THR C 213 21.90 -12.35 -47.91
C THR C 213 20.82 -13.38 -48.24
N ILE C 214 19.58 -12.94 -48.51
CA ILE C 214 18.54 -13.86 -48.98
C ILE C 214 18.88 -14.30 -50.40
N SER C 215 18.95 -15.62 -50.56
CA SER C 215 19.00 -16.26 -51.85
C SER C 215 17.71 -17.05 -52.02
N LYS C 216 17.66 -17.85 -53.09
CA LYS C 216 16.48 -18.63 -53.41
C LYS C 216 16.63 -20.06 -52.87
N GLU C 217 17.85 -20.61 -52.90
CA GLU C 217 18.05 -22.03 -52.59
C GLU C 217 19.08 -22.23 -51.48
N LYS C 218 19.42 -21.17 -50.74
CA LYS C 218 20.47 -21.26 -49.73
C LYS C 218 20.09 -20.40 -48.53
N ALA C 219 20.57 -20.82 -47.35
CA ALA C 219 20.33 -20.09 -46.12
C ALA C 219 20.89 -18.67 -46.23
N ALA C 220 20.21 -17.74 -45.57
CA ALA C 220 20.74 -16.41 -45.34
C ALA C 220 21.81 -16.44 -44.25
N ASP C 221 22.44 -15.28 -44.03
CA ASP C 221 23.41 -15.10 -42.95
C ASP C 221 22.72 -14.36 -41.81
N TYR C 222 23.26 -14.52 -40.60
CA TYR C 222 22.66 -13.97 -39.40
C TYR C 222 23.72 -13.29 -38.55
N THR C 223 23.32 -12.20 -37.88
CA THR C 223 24.14 -11.57 -36.84
C THR C 223 23.80 -12.18 -35.49
N ASP C 224 24.70 -13.03 -34.96
CA ASP C 224 24.61 -13.60 -33.61
C ASP C 224 24.88 -12.49 -32.59
N VAL C 225 24.58 -12.80 -31.33
CA VAL C 225 24.74 -11.85 -30.24
C VAL C 225 25.79 -12.41 -29.30
N PRO C 226 26.88 -11.67 -29.01
CA PRO C 226 27.94 -12.19 -28.14
C PRO C 226 27.36 -12.43 -26.75
N VAL C 227 26.72 -11.40 -26.21
CA VAL C 227 26.17 -11.47 -24.87
C VAL C 227 24.67 -11.22 -24.96
N GLN C 228 23.91 -12.03 -24.21
CA GLN C 228 22.46 -12.01 -24.32
C GLN C 228 21.91 -10.76 -23.66
N GLY C 229 22.49 -10.35 -22.52
CA GLY C 229 22.06 -9.11 -21.90
C GLY C 229 22.77 -8.81 -20.58
N PHE C 230 22.38 -7.67 -20.01
CA PHE C 230 22.78 -7.24 -18.69
C PHE C 230 21.53 -6.75 -17.98
N VAL C 231 21.25 -7.29 -16.80
CA VAL C 231 20.00 -7.03 -16.12
C VAL C 231 19.99 -5.60 -15.60
N CYS C 232 21.06 -5.26 -14.89
CA CYS C 232 21.09 -4.02 -14.13
C CYS C 232 22.27 -3.13 -14.53
N ALA C 233 21.96 -1.87 -14.88
CA ALA C 233 22.98 -0.91 -15.28
C ALA C 233 22.85 0.36 -14.46
N PRO C 234 23.39 0.38 -13.21
CA PRO C 234 23.29 1.56 -12.33
C PRO C 234 24.31 2.66 -12.62
N CYS C 235 23.94 3.92 -12.31
CA CYS C 235 24.85 5.07 -12.32
C CYS C 235 24.87 5.73 -10.96
N THR C 236 24.83 4.87 -9.96
CA THR C 236 24.80 5.27 -8.56
C THR C 236 25.91 6.27 -8.21
N PRO C 237 25.56 7.47 -7.67
CA PRO C 237 26.50 8.34 -6.97
C PRO C 237 27.26 7.69 -5.82
N GLU C 238 28.44 8.26 -5.57
CA GLU C 238 29.51 7.68 -4.76
C GLU C 238 29.00 7.25 -3.38
N ASP C 239 28.14 8.08 -2.78
CA ASP C 239 27.81 7.95 -1.38
C ASP C 239 26.61 7.00 -1.19
N GLU C 240 25.76 6.88 -2.22
CA GLU C 240 24.46 6.26 -2.06
C GLU C 240 24.58 4.74 -2.16
N PRO C 241 23.66 3.98 -1.50
CA PRO C 241 23.70 2.51 -1.55
C PRO C 241 23.30 1.92 -2.90
N GLY C 242 22.41 2.60 -3.63
CA GLY C 242 22.06 2.19 -4.98
C GLY C 242 21.08 1.02 -4.99
N ILE C 243 21.31 0.08 -5.92
CA ILE C 243 20.32 -0.93 -6.27
C ILE C 243 20.60 -2.24 -5.54
N ARG C 244 19.58 -2.75 -4.84
CA ARG C 244 19.67 -4.00 -4.10
C ARG C 244 18.53 -4.93 -4.51
N PHE C 245 18.90 -6.15 -4.91
CA PHE C 245 17.94 -7.21 -5.20
C PHE C 245 17.93 -8.18 -4.02
N ILE C 246 16.76 -8.44 -3.44
CA ILE C 246 16.68 -9.28 -2.26
C ILE C 246 15.64 -10.37 -2.48
N ASP C 247 16.05 -11.62 -2.29
CA ASP C 247 15.18 -12.77 -2.42
C ASP C 247 14.48 -12.72 -3.77
N CYS C 248 15.23 -12.36 -4.82
CA CYS C 248 14.70 -12.28 -6.17
C CYS C 248 15.09 -13.52 -6.96
N ARG C 249 14.23 -13.93 -7.92
CA ARG C 249 14.53 -15.01 -8.84
C ARG C 249 14.90 -14.45 -10.21
N PHE C 250 15.99 -14.93 -10.80
CA PHE C 250 16.36 -14.51 -12.15
C PHE C 250 16.18 -15.68 -13.10
N ILE C 251 15.26 -15.54 -14.05
CA ILE C 251 14.89 -16.61 -14.98
C ILE C 251 14.91 -16.07 -16.41
N THR C 252 14.74 -16.96 -17.38
CA THR C 252 14.74 -16.57 -18.78
C THR C 252 13.63 -17.29 -19.55
N ASP C 253 13.30 -16.78 -20.73
CA ASP C 253 12.42 -17.48 -21.64
C ASP C 253 13.21 -18.60 -22.31
N ARG C 254 14.33 -18.25 -22.97
CA ARG C 254 15.09 -19.26 -23.69
C ARG C 254 16.54 -18.85 -23.94
N CYS C 255 17.10 -17.97 -23.10
CA CYS C 255 18.49 -17.58 -23.24
C CYS C 255 19.35 -18.82 -23.03
N PRO C 256 20.47 -18.98 -23.76
CA PRO C 256 21.42 -20.06 -23.50
C PRO C 256 22.26 -19.86 -22.24
N ASP C 257 22.87 -20.94 -21.77
CA ASP C 257 23.57 -20.97 -20.50
C ASP C 257 24.69 -19.95 -20.52
N SER C 258 24.84 -19.26 -19.38
CA SER C 258 25.99 -18.39 -19.12
C SER C 258 26.10 -17.28 -20.16
N SER C 259 24.97 -16.69 -20.57
CA SER C 259 24.95 -15.70 -21.63
C SER C 259 24.53 -14.32 -21.10
N VAL C 260 24.18 -14.26 -19.81
CA VAL C 260 23.60 -13.04 -19.23
C VAL C 260 24.38 -12.66 -17.99
N TYR C 261 24.68 -11.36 -17.88
CA TYR C 261 25.32 -10.78 -16.71
C TYR C 261 24.28 -10.08 -15.85
N LEU C 262 24.47 -10.12 -14.53
CA LEU C 262 23.55 -9.49 -13.60
C LEU C 262 23.65 -7.97 -13.70
N ALA C 263 24.85 -7.45 -13.97
CA ALA C 263 25.07 -6.00 -13.91
C ALA C 263 26.31 -5.60 -14.69
N ARG C 264 26.24 -4.41 -15.26
CA ARG C 264 27.43 -3.70 -15.71
C ARG C 264 27.25 -2.23 -15.33
N PRO C 265 28.34 -1.53 -14.98
CA PRO C 265 28.25 -0.17 -14.45
C PRO C 265 28.06 0.86 -15.57
N TRP C 266 26.87 1.43 -15.63
CA TRP C 266 26.55 2.46 -16.61
C TRP C 266 27.45 3.68 -16.40
N ARG C 267 27.70 4.02 -15.12
CA ARG C 267 28.74 4.97 -14.71
C ARG C 267 29.69 4.29 -13.72
N GLU C 268 30.93 4.82 -13.67
CA GLU C 268 32.08 4.23 -13.00
C GLU C 268 31.72 3.58 -11.66
N LYS C 269 30.93 4.28 -10.84
CA LYS C 269 30.74 3.88 -9.45
C LYS C 269 29.34 3.34 -9.19
N GLY C 270 28.69 2.78 -10.22
CA GLY C 270 27.39 2.16 -10.06
C GLY C 270 27.40 1.01 -9.03
N ALA C 271 26.28 0.83 -8.34
CA ALA C 271 26.20 -0.12 -7.25
C ALA C 271 24.99 -1.03 -7.45
N ALA C 272 25.20 -2.35 -7.32
CA ALA C 272 24.13 -3.32 -7.42
C ALA C 272 24.49 -4.53 -6.55
N SER C 273 23.62 -4.89 -5.60
CA SER C 273 23.90 -6.04 -4.75
C SER C 273 22.74 -7.05 -4.87
N PHE C 274 23.08 -8.33 -4.72
CA PHE C 274 22.13 -9.41 -4.86
C PHE C 274 22.21 -10.23 -3.58
N GLU C 275 21.15 -10.19 -2.77
CA GLU C 275 21.15 -10.83 -1.46
CA GLU C 275 21.15 -10.83 -1.46
C GLU C 275 20.15 -11.98 -1.50
N ASN C 276 20.67 -13.20 -1.34
CA ASN C 276 19.86 -14.41 -1.25
C ASN C 276 18.98 -14.56 -2.48
N CYS C 277 19.55 -14.27 -3.65
CA CYS C 277 18.84 -14.35 -4.90
C CYS C 277 19.09 -15.72 -5.48
N SER C 278 18.19 -16.20 -6.35
CA SER C 278 18.44 -17.44 -7.06
C SER C 278 18.58 -17.17 -8.56
N PHE C 279 19.59 -17.79 -9.16
CA PHE C 279 19.99 -17.50 -10.53
C PHE C 279 19.78 -18.76 -11.39
N GLY C 280 18.99 -18.62 -12.47
CA GLY C 280 18.93 -19.64 -13.49
C GLY C 280 20.26 -19.78 -14.20
N SER C 281 20.43 -20.86 -14.96
CA SER C 281 21.74 -21.18 -15.54
C SER C 281 22.05 -20.29 -16.75
N HIS C 282 21.17 -19.36 -17.10
CA HIS C 282 21.49 -18.37 -18.14
C HIS C 282 22.45 -17.32 -17.59
N ILE C 283 22.53 -17.23 -16.26
CA ILE C 283 23.35 -16.23 -15.60
C ILE C 283 24.79 -16.72 -15.60
N HIS C 284 25.69 -15.86 -16.12
CA HIS C 284 27.11 -16.16 -16.19
C HIS C 284 27.67 -16.31 -14.78
N PRO C 285 28.50 -17.33 -14.49
CA PRO C 285 29.03 -17.54 -13.14
C PRO C 285 29.91 -16.41 -12.60
N ASP C 286 30.42 -15.54 -13.51
CA ASP C 286 31.17 -14.35 -13.16
C ASP C 286 30.26 -13.23 -12.64
N LEU C 287 28.97 -13.30 -13.00
CA LEU C 287 27.92 -12.43 -12.48
C LEU C 287 27.97 -11.04 -13.10
N PHE C 288 29.14 -10.40 -13.08
CA PHE C 288 29.25 -8.98 -13.38
C PHE C 288 30.15 -8.76 -14.57
N ALA C 289 29.76 -7.76 -15.38
CA ALA C 289 30.47 -7.38 -16.57
C ALA C 289 30.98 -5.94 -16.43
N GLY C 290 32.15 -5.68 -17.00
CA GLY C 290 32.60 -4.31 -17.21
C GLY C 290 31.76 -3.61 -18.27
N TRP C 291 31.89 -2.28 -18.32
CA TRP C 291 31.21 -1.47 -19.32
C TRP C 291 32.04 -1.38 -20.60
N LYS C 292 33.30 -0.92 -20.44
CA LYS C 292 34.24 -0.79 -21.56
C LYS C 292 34.52 -2.17 -22.14
N ASP C 293 34.82 -3.12 -21.24
CA ASP C 293 35.26 -4.47 -21.56
C ASP C 293 34.54 -5.45 -20.64
N ILE C 294 33.67 -6.29 -21.22
CA ILE C 294 32.88 -7.25 -20.46
C ILE C 294 33.74 -8.05 -19.48
N TYR C 295 35.03 -8.28 -19.81
CA TYR C 295 35.89 -9.20 -19.06
C TYR C 295 36.81 -8.45 -18.10
N ASP C 296 36.64 -7.12 -17.98
CA ASP C 296 37.44 -6.28 -17.10
C ASP C 296 36.50 -5.30 -16.40
N LEU C 297 36.09 -5.67 -15.17
CA LEU C 297 35.16 -4.87 -14.41
C LEU C 297 35.91 -3.71 -13.78
N GLU C 298 35.46 -2.48 -14.10
CA GLU C 298 36.10 -1.29 -13.55
C GLU C 298 36.10 -1.42 -12.02
N LYS C 299 37.26 -1.14 -11.42
CA LYS C 299 37.54 -1.49 -10.04
C LYS C 299 36.73 -0.60 -9.09
N THR C 300 36.12 0.47 -9.63
CA THR C 300 35.35 1.43 -8.86
C THR C 300 33.88 1.00 -8.74
N ALA C 301 33.47 -0.05 -9.46
CA ALA C 301 32.10 -0.54 -9.38
C ALA C 301 31.87 -1.18 -8.01
N ARG C 302 30.63 -1.11 -7.54
CA ARG C 302 30.23 -1.70 -6.27
C ARG C 302 29.20 -2.80 -6.49
N PHE C 303 29.68 -3.97 -6.92
CA PHE C 303 28.83 -5.11 -7.22
C PHE C 303 29.12 -6.23 -6.22
N LYS C 304 28.08 -6.77 -5.56
CA LYS C 304 28.29 -7.85 -4.61
C LYS C 304 27.14 -8.84 -4.69
N ASN C 305 27.44 -10.11 -4.37
CA ASN C 305 26.44 -11.17 -4.29
C ASN C 305 26.60 -11.82 -2.93
N LEU C 306 25.61 -11.65 -2.04
CA LEU C 306 25.68 -12.13 -0.67
C LEU C 306 24.85 -13.41 -0.48
N SER D 19 39.24 29.78 32.81
CA SER D 19 38.63 29.40 31.50
C SER D 19 38.57 27.89 31.39
N HIS D 20 37.37 27.32 31.56
CA HIS D 20 37.25 25.87 31.52
C HIS D 20 35.98 25.45 30.78
N MET D 21 35.95 24.19 30.32
CA MET D 21 34.77 23.59 29.72
C MET D 21 34.17 22.58 30.69
N LEU D 22 32.85 22.41 30.66
CA LEU D 22 32.14 21.48 31.51
C LEU D 22 31.13 20.70 30.69
N GLU D 23 31.05 19.39 30.91
CA GLU D 23 30.10 18.59 30.16
C GLU D 23 28.71 18.75 30.78
N MET D 24 27.70 18.93 29.94
CA MET D 24 26.33 19.17 30.40
C MET D 24 25.53 17.92 30.07
N LYS D 25 24.41 17.75 30.78
CA LYS D 25 23.62 16.55 30.63
C LYS D 25 22.51 16.82 29.64
N LYS D 26 22.51 16.10 28.51
CA LYS D 26 21.45 16.18 27.52
C LYS D 26 21.09 14.76 27.09
N ILE D 27 19.80 14.43 27.16
CA ILE D 27 19.34 13.08 26.92
C ILE D 27 18.36 13.06 25.75
N PHE D 28 18.62 12.15 24.82
CA PHE D 28 17.73 11.92 23.70
C PHE D 28 16.82 10.73 24.01
N PHE D 29 15.53 10.92 23.76
CA PHE D 29 14.58 9.83 23.86
C PHE D 29 14.16 9.42 22.45
N SER D 30 14.48 8.17 22.10
CA SER D 30 14.20 7.65 20.78
C SER D 30 12.72 7.81 20.44
N ASN D 31 12.38 7.69 19.16
CA ASN D 31 11.01 7.54 18.77
C ASN D 31 10.47 6.29 19.47
N GLY D 32 9.16 6.28 19.73
CA GLY D 32 8.53 5.23 20.51
C GLY D 32 7.95 5.76 21.81
N THR D 33 7.28 4.87 22.55
CA THR D 33 6.79 5.19 23.88
C THR D 33 7.78 4.64 24.92
N HIS D 34 8.19 5.48 25.87
CA HIS D 34 9.02 5.06 26.97
C HIS D 34 8.19 5.05 28.25
N TYR D 35 7.88 3.85 28.77
CA TYR D 35 7.02 3.70 29.94
C TYR D 35 7.88 3.76 31.19
N GLN D 36 7.98 4.95 31.82
CA GLN D 36 8.69 5.03 33.08
C GLN D 36 8.40 6.33 33.80
N LYS D 37 8.57 6.28 35.11
CA LYS D 37 8.39 7.41 35.99
C LYS D 37 9.77 8.04 36.17
N LEU D 38 9.93 9.24 35.64
CA LEU D 38 11.23 9.88 35.65
C LEU D 38 11.28 10.87 36.80
N TYR D 39 12.29 10.74 37.66
CA TYR D 39 12.47 11.58 38.82
C TYR D 39 13.86 12.19 38.81
N PHE D 40 13.96 13.41 38.24
CA PHE D 40 15.22 14.11 38.06
C PHE D 40 15.42 15.09 39.21
N ASP D 41 15.91 14.55 40.33
CA ASP D 41 16.04 15.26 41.60
C ASP D 41 17.52 15.53 41.89
N GLU D 42 17.80 16.05 43.08
CA GLU D 42 19.16 16.26 43.54
C GLU D 42 19.99 14.96 43.51
N GLU D 43 19.41 13.85 43.98
CA GLU D 43 20.10 12.57 44.02
C GLU D 43 20.54 12.14 42.61
N TYR D 44 19.71 12.35 41.59
CA TYR D 44 20.02 12.01 40.19
C TYR D 44 21.25 12.80 39.72
N TYR D 45 21.29 14.09 40.06
CA TYR D 45 22.36 14.96 39.63
C TYR D 45 23.68 14.57 40.31
N LYS D 46 23.63 14.28 41.61
CA LYS D 46 24.83 13.89 42.34
C LYS D 46 25.38 12.57 41.77
N ASN D 47 24.49 11.61 41.48
CA ASN D 47 24.91 10.30 41.03
C ASN D 47 25.39 10.31 39.58
N ASN D 48 24.96 11.29 38.77
CA ASN D 48 25.40 11.36 37.39
C ASN D 48 26.40 12.50 37.20
N ASN D 49 26.93 13.03 38.31
CA ASN D 49 27.96 14.04 38.28
C ASN D 49 27.55 15.25 37.43
N VAL D 50 26.27 15.66 37.52
CA VAL D 50 25.81 16.85 36.82
C VAL D 50 25.98 18.03 37.78
N THR D 51 27.17 18.66 37.74
CA THR D 51 27.56 19.55 38.84
C THR D 51 26.80 20.88 38.75
N ASP D 52 26.16 21.15 37.59
CA ASP D 52 25.40 22.37 37.36
C ASP D 52 23.87 22.12 37.49
N ASN D 53 23.51 20.90 37.91
CA ASN D 53 22.13 20.57 38.28
C ASN D 53 21.14 21.07 37.24
N SER D 54 21.42 20.73 35.98
CA SER D 54 20.60 21.19 34.88
C SER D 54 20.43 20.05 33.90
N LEU D 55 19.28 20.02 33.24
CA LEU D 55 18.93 18.89 32.41
C LEU D 55 18.28 19.39 31.14
N HIS D 56 18.70 18.77 30.02
CA HIS D 56 18.11 19.01 28.72
C HIS D 56 17.61 17.67 28.21
N ILE D 57 16.33 17.59 27.89
CA ILE D 57 15.71 16.40 27.32
C ILE D 57 15.21 16.72 25.91
N LYS D 58 15.46 15.79 25.02
CA LYS D 58 15.15 15.95 23.61
C LYS D 58 14.51 14.65 23.13
N GLY D 59 13.42 14.77 22.38
CA GLY D 59 12.89 13.64 21.65
C GLY D 59 13.08 13.78 20.14
N ALA D 60 12.46 12.82 19.43
CA ALA D 60 12.54 12.69 17.98
C ALA D 60 11.39 13.44 17.32
N GLY D 61 10.65 14.22 18.11
CA GLY D 61 9.49 14.95 17.58
C GLY D 61 8.33 14.91 18.56
N MET D 62 7.54 15.98 18.53
CA MET D 62 6.52 16.21 19.53
C MET D 62 5.65 14.97 19.70
N ASP D 63 5.27 14.26 18.64
CA ASP D 63 4.42 13.11 18.94
C ASP D 63 5.06 11.78 18.54
N VAL D 64 6.30 11.80 18.05
CA VAL D 64 6.91 10.54 17.64
C VAL D 64 7.64 9.94 18.83
N THR D 65 7.95 10.77 19.83
CA THR D 65 8.52 10.31 21.10
C THR D 65 7.55 10.59 22.24
N THR D 66 7.29 9.57 23.08
CA THR D 66 6.32 9.71 24.17
C THR D 66 6.90 9.13 25.47
N ILE D 67 6.91 9.96 26.52
CA ILE D 67 7.22 9.51 27.86
C ILE D 67 5.92 9.29 28.63
N SER D 68 5.77 8.11 29.23
CA SER D 68 4.46 7.66 29.65
C SER D 68 4.51 6.90 30.97
N TRP D 69 3.60 7.27 31.88
CA TRP D 69 3.27 6.53 33.09
C TRP D 69 1.83 6.85 33.48
N SER D 70 1.34 6.27 34.57
CA SER D 70 -0.09 6.21 34.84
C SER D 70 -0.41 6.16 36.34
N ASP D 71 0.38 6.86 37.17
CA ASP D 71 0.12 6.97 38.59
C ASP D 71 -0.93 8.05 38.82
N GLY D 72 -1.85 7.80 39.77
CA GLY D 72 -2.89 8.75 40.13
C GLY D 72 -2.98 9.01 41.63
N GLY D 73 -3.44 10.20 42.01
CA GLY D 73 -3.44 10.63 43.40
C GLY D 73 -4.24 9.71 44.32
N PHE D 74 -5.28 9.05 43.78
CA PHE D 74 -6.15 8.23 44.62
C PHE D 74 -5.63 6.81 44.74
N ASP D 75 -4.50 6.49 44.09
CA ASP D 75 -3.97 5.14 44.14
C ASP D 75 -3.50 4.80 45.56
N LYS D 76 -3.20 3.52 45.82
CA LYS D 76 -2.59 3.08 47.06
C LYS D 76 -1.31 3.86 47.28
N ALA D 77 -1.01 4.15 48.55
CA ALA D 77 0.27 4.72 48.92
C ALA D 77 1.35 3.68 48.61
N PRO D 78 2.48 4.07 47.98
CA PRO D 78 3.55 3.11 47.69
C PRO D 78 4.43 2.80 48.90
N ASP D 79 4.22 3.52 50.02
CA ASP D 79 5.07 3.35 51.20
C ASP D 79 4.28 3.76 52.44
N ASP D 80 5.01 3.94 53.56
CA ASP D 80 4.35 4.22 54.86
C ASP D 80 3.94 5.67 54.94
N LYS D 81 4.12 6.40 53.84
CA LYS D 81 3.83 7.83 53.86
C LYS D 81 2.47 8.05 53.19
N GLY D 82 1.54 8.66 53.93
CA GLY D 82 0.22 8.99 53.39
C GLY D 82 -0.73 7.80 53.46
N ILE D 83 -2.01 8.10 53.16
CA ILE D 83 -3.07 7.12 53.06
C ILE D 83 -3.35 6.81 51.57
N LYS D 84 -2.65 7.53 50.68
CA LYS D 84 -2.87 7.40 49.26
C LYS D 84 -1.65 7.98 48.56
N LEU D 85 -1.54 7.75 47.24
CA LEU D 85 -0.33 8.14 46.53
C LEU D 85 -0.15 9.65 46.62
N GLY D 86 -1.23 10.40 46.29
CA GLY D 86 -1.23 11.85 46.35
C GLY D 86 -0.95 12.51 45.01
N THR D 87 -1.57 13.69 44.80
CA THR D 87 -1.31 14.54 43.66
C THR D 87 0.19 14.66 43.34
N PHE D 88 0.99 15.00 44.36
CA PHE D 88 2.34 15.47 44.08
C PHE D 88 3.31 14.30 44.07
N ARG D 89 2.78 13.08 44.25
CA ARG D 89 3.55 11.90 43.89
C ARG D 89 3.03 11.24 42.61
N SER D 90 2.08 11.88 41.91
CA SER D 90 1.45 11.25 40.75
C SER D 90 2.23 11.40 39.44
N TYR D 91 3.32 12.19 39.43
CA TYR D 91 3.93 12.71 38.21
C TYR D 91 4.45 11.58 37.33
N THR D 92 4.31 11.72 36.00
CA THR D 92 5.09 10.91 35.08
C THR D 92 6.54 11.37 35.04
N MET D 93 6.76 12.70 34.99
CA MET D 93 8.11 13.25 35.05
C MET D 93 8.16 14.37 36.07
N PHE D 94 9.15 14.28 36.97
CA PHE D 94 9.55 15.38 37.84
C PHE D 94 10.91 15.90 37.41
N VAL D 95 11.06 17.22 37.27
CA VAL D 95 12.39 17.76 37.03
C VAL D 95 12.66 18.98 37.93
N SER D 96 13.84 19.02 38.55
CA SER D 96 14.27 20.13 39.40
C SER D 96 15.64 20.64 38.97
N GLY D 97 16.26 21.48 39.81
CA GLY D 97 17.61 21.97 39.56
C GLY D 97 17.58 23.42 39.12
N ASN D 98 18.67 23.87 38.49
CA ASN D 98 18.75 25.27 38.10
C ASN D 98 18.00 25.52 36.80
N GLU D 99 18.09 24.56 35.87
CA GLU D 99 17.47 24.76 34.58
C GLU D 99 17.06 23.41 33.98
N ALA D 100 15.89 23.42 33.35
CA ALA D 100 15.40 22.25 32.65
C ALA D 100 14.88 22.69 31.28
N ILE D 101 15.22 21.90 30.28
CA ILE D 101 14.77 22.19 28.94
C ILE D 101 14.20 20.90 28.40
N ILE D 102 13.03 20.99 27.78
CA ILE D 102 12.40 19.79 27.24
C ILE D 102 11.95 20.13 25.83
N GLU D 103 12.32 19.30 24.85
CA GLU D 103 11.99 19.60 23.48
C GLU D 103 11.54 18.36 22.71
N ASP D 104 10.52 18.56 21.85
CA ASP D 104 10.20 17.65 20.76
C ASP D 104 9.85 16.27 21.30
N LEU D 105 8.94 16.21 22.28
CA LEU D 105 8.40 14.94 22.74
C LEU D 105 7.06 15.18 23.42
N THR D 106 6.43 14.05 23.78
CA THR D 106 5.17 14.04 24.50
C THR D 106 5.43 13.52 25.90
N ILE D 107 4.82 14.15 26.89
CA ILE D 107 4.82 13.54 28.21
C ILE D 107 3.37 13.33 28.61
N GLU D 108 3.02 12.12 29.04
CA GLU D 108 1.63 11.83 29.35
C GLU D 108 1.51 11.12 30.69
N ASN D 109 0.43 11.46 31.39
CA ASN D 109 -0.09 10.62 32.47
C ASN D 109 -1.39 9.98 31.98
N THR D 110 -1.42 8.64 31.92
CA THR D 110 -2.57 7.96 31.34
C THR D 110 -3.48 7.37 32.41
N ALA D 111 -3.38 7.86 33.65
CA ALA D 111 -4.23 7.31 34.71
C ALA D 111 -5.71 7.41 34.32
N GLY D 112 -6.12 8.60 33.89
CA GLY D 112 -7.42 8.83 33.33
C GLY D 112 -8.25 9.83 34.14
N ASP D 113 -9.58 9.68 34.01
CA ASP D 113 -10.56 10.54 34.64
C ASP D 113 -10.24 10.73 36.11
N GLY D 114 -10.17 12.02 36.51
CA GLY D 114 -9.80 12.40 37.88
C GLY D 114 -10.85 11.99 38.89
N ARG D 115 -12.09 11.85 38.42
CA ARG D 115 -13.17 11.35 39.26
C ARG D 115 -12.93 9.90 39.66
N ILE D 116 -12.02 9.16 38.98
CA ILE D 116 -11.84 7.77 39.36
C ILE D 116 -10.44 7.51 39.95
N ARG D 117 -9.42 8.13 39.37
CA ARG D 117 -8.03 7.86 39.74
C ARG D 117 -7.45 9.04 40.50
N GLY D 118 -8.16 10.17 40.46
CA GLY D 118 -7.73 11.39 41.13
C GLY D 118 -6.79 12.22 40.27
N GLN D 119 -6.13 13.18 40.93
CA GLN D 119 -5.17 14.05 40.26
C GLN D 119 -4.00 13.23 39.76
N ALA D 120 -3.50 13.57 38.57
CA ALA D 120 -2.47 12.76 37.92
C ALA D 120 -1.61 13.65 37.02
N ILE D 121 -0.43 14.03 37.51
CA ILE D 121 0.45 14.98 36.86
C ILE D 121 1.24 14.31 35.73
N ALA D 122 1.31 14.97 34.58
CA ALA D 122 2.27 14.56 33.57
C ALA D 122 3.64 15.13 33.91
N LEU D 123 3.74 16.47 34.04
CA LEU D 123 5.03 17.11 34.32
C LEU D 123 4.97 17.89 35.63
N TYR D 124 5.80 17.48 36.60
CA TYR D 124 6.09 18.28 37.78
C TYR D 124 7.33 19.13 37.47
N ALA D 125 7.10 20.38 37.09
CA ALA D 125 8.15 21.27 36.61
C ALA D 125 8.63 22.13 37.78
N ASP D 126 9.78 21.76 38.37
CA ASP D 126 10.25 22.32 39.63
C ASP D 126 11.53 23.15 39.52
N ALA D 127 12.23 23.07 38.36
CA ALA D 127 13.52 23.74 38.16
C ALA D 127 13.34 25.27 38.15
N SER D 128 14.38 26.01 38.57
CA SER D 128 14.26 27.46 38.69
C SER D 128 13.88 28.08 37.37
N LYS D 129 14.48 27.58 36.29
CA LYS D 129 14.19 27.97 34.91
C LYS D 129 13.73 26.74 34.14
N VAL D 130 12.58 26.88 33.48
CA VAL D 130 12.04 25.78 32.69
C VAL D 130 11.72 26.33 31.30
N THR D 131 12.23 25.62 30.28
CA THR D 131 11.86 25.91 28.91
C THR D 131 11.38 24.63 28.24
N CYS D 132 10.19 24.71 27.65
CA CYS D 132 9.64 23.62 26.87
C CYS D 132 9.36 24.13 25.47
N ARG D 133 9.96 23.48 24.46
CA ARG D 133 9.63 23.77 23.08
C ARG D 133 9.06 22.53 22.39
N ARG D 134 7.90 22.71 21.74
CA ARG D 134 7.27 21.66 20.94
C ARG D 134 7.05 20.41 21.79
N VAL D 135 6.50 20.60 22.99
CA VAL D 135 6.18 19.51 23.88
C VAL D 135 4.67 19.38 23.97
N HIS D 136 4.20 18.13 24.00
CA HIS D 136 2.80 17.79 24.15
C HIS D 136 2.62 17.17 25.52
N LEU D 137 1.84 17.86 26.37
CA LEU D 137 1.53 17.37 27.71
C LEU D 137 0.10 16.84 27.73
N LYS D 138 -0.07 15.59 28.17
CA LYS D 138 -1.37 14.95 28.20
C LYS D 138 -1.68 14.44 29.60
N GLY D 139 -2.85 14.84 30.08
CA GLY D 139 -3.52 14.21 31.20
C GLY D 139 -4.98 14.68 31.28
N HIS D 140 -5.55 14.53 32.49
CA HIS D 140 -6.91 14.97 32.73
C HIS D 140 -6.89 16.05 33.80
N GLN D 141 -6.88 15.66 35.07
CA GLN D 141 -6.84 16.61 36.17
C GLN D 141 -5.37 16.83 36.61
N ASP D 142 -4.96 18.11 36.65
CA ASP D 142 -3.66 18.57 37.13
C ASP D 142 -2.52 18.11 36.20
N THR D 143 -2.70 18.26 34.89
CA THR D 143 -1.75 17.73 33.93
C THR D 143 -0.36 18.33 34.15
N LEU D 144 -0.29 19.66 34.16
CA LEU D 144 0.97 20.34 34.33
C LEU D 144 0.99 21.10 35.65
N PHE D 145 2.01 20.78 36.46
CA PHE D 145 2.26 21.50 37.70
C PHE D 145 3.60 22.24 37.68
N MET D 146 3.55 23.55 37.97
CA MET D 146 4.72 24.42 38.01
C MET D 146 4.96 24.93 39.43
N SER D 147 6.11 24.57 40.01
CA SER D 147 6.48 25.03 41.33
C SER D 147 6.47 26.56 41.40
N PRO D 148 6.19 27.19 42.57
CA PRO D 148 6.03 26.50 43.85
C PRO D 148 4.62 26.06 44.23
N LEU D 149 4.57 25.23 45.28
CA LEU D 149 3.34 24.97 46.01
C LEU D 149 2.84 26.23 46.71
N PRO D 150 1.52 26.30 46.97
CA PRO D 150 0.96 27.27 47.91
C PRO D 150 1.62 27.16 49.28
N LEU D 151 1.39 28.17 50.13
CA LEU D 151 2.07 28.24 51.41
C LEU D 151 1.68 27.05 52.29
N THR D 152 0.37 26.81 52.42
CA THR D 152 -0.12 25.78 53.32
C THR D 152 -1.12 24.86 52.61
N GLU D 153 -1.06 23.57 52.99
CA GLU D 153 -1.92 22.54 52.46
C GLU D 153 -3.34 22.79 52.97
N ARG D 154 -4.36 22.58 52.13
CA ARG D 154 -5.75 22.75 52.55
C ARG D 154 -6.26 21.46 53.22
N GLU D 155 -5.87 20.28 52.75
CA GLU D 155 -6.12 19.03 53.48
C GLU D 155 -4.79 18.41 53.94
N LYS D 156 -4.83 17.67 55.04
CA LYS D 156 -3.62 17.14 55.65
C LYS D 156 -2.94 16.21 54.66
N GLY D 157 -1.63 16.43 54.46
CA GLY D 157 -0.81 15.55 53.64
C GLY D 157 -1.02 15.79 52.15
N GLY D 158 -1.75 16.86 51.80
CA GLY D 158 -2.09 17.14 50.42
C GLY D 158 -0.88 17.41 49.53
N PHE D 159 0.27 17.73 50.14
CA PHE D 159 1.47 18.07 49.42
C PHE D 159 2.54 16.98 49.53
N ILE D 160 2.20 15.81 50.07
CA ILE D 160 3.18 14.73 50.17
C ILE D 160 3.81 14.53 48.80
N GLY D 161 5.13 14.45 48.75
CA GLY D 161 5.85 14.43 47.49
C GLY D 161 7.26 15.02 47.64
N PRO D 162 7.98 15.23 46.51
CA PRO D 162 9.38 15.64 46.56
C PRO D 162 9.66 16.98 47.23
N ARG D 163 8.67 17.88 47.27
CA ARG D 163 8.88 19.26 47.68
C ARG D 163 7.99 19.60 48.88
N GLU D 164 7.46 18.57 49.56
CA GLU D 164 6.46 18.75 50.60
C GLU D 164 6.99 19.71 51.66
N ASN D 165 8.25 19.47 52.06
CA ASN D 165 8.86 20.18 53.18
C ASN D 165 9.98 21.10 52.67
N SER D 166 10.15 21.20 51.35
CA SER D 166 11.13 22.10 50.77
C SER D 166 10.63 23.54 50.87
N PRO D 167 11.52 24.56 50.77
CA PRO D 167 11.06 25.95 50.69
C PRO D 167 10.22 26.18 49.43
N ARG D 168 9.35 27.18 49.50
CA ARG D 168 8.50 27.54 48.38
C ARG D 168 9.27 28.48 47.46
N LEU D 169 10.24 27.94 46.72
CA LEU D 169 11.00 28.71 45.76
C LEU D 169 10.18 28.98 44.49
N MET D 170 10.26 30.23 44.04
CA MET D 170 9.66 30.68 42.81
C MET D 170 10.44 30.11 41.61
N THR D 171 9.73 29.87 40.50
CA THR D 171 10.35 29.40 39.27
C THR D 171 9.85 30.26 38.12
N THR D 172 10.59 30.21 37.00
CA THR D 172 10.31 30.98 35.80
C THR D 172 10.25 30.00 34.62
N GLN D 173 9.15 30.03 33.85
CA GLN D 173 8.88 28.96 32.90
C GLN D 173 8.41 29.56 31.56
N TYR D 174 8.92 29.02 30.44
CA TYR D 174 8.48 29.38 29.11
C TYR D 174 8.07 28.11 28.35
N TYR D 175 6.87 28.14 27.75
CA TYR D 175 6.35 27.04 26.96
C TYR D 175 6.02 27.56 25.58
N GLU D 176 6.72 27.05 24.56
CA GLU D 176 6.63 27.57 23.20
C GLU D 176 6.20 26.45 22.24
N ASP D 177 5.16 26.72 21.45
CA ASP D 177 4.63 25.79 20.46
C ASP D 177 4.33 24.45 21.11
N CYS D 178 3.70 24.50 22.28
CA CYS D 178 3.38 23.28 23.00
C CYS D 178 1.89 23.00 22.84
N ILE D 179 1.51 21.76 23.16
CA ILE D 179 0.10 21.38 23.25
C ILE D 179 -0.11 20.83 24.64
N ILE D 180 -1.15 21.34 25.34
CA ILE D 180 -1.40 20.95 26.72
C ILE D 180 -2.88 20.59 26.83
N GLU D 181 -3.15 19.38 27.35
CA GLU D 181 -4.50 18.84 27.40
C GLU D 181 -4.89 18.55 28.83
N GLY D 182 -6.18 18.75 29.12
CA GLY D 182 -6.79 18.23 30.33
C GLY D 182 -8.19 18.79 30.55
N ASP D 183 -8.68 18.69 31.79
CA ASP D 183 -10.01 19.16 32.11
C ASP D 183 -10.00 20.09 33.32
N VAL D 184 -9.54 19.58 34.47
CA VAL D 184 -9.67 20.31 35.73
C VAL D 184 -8.29 20.75 36.21
N ASP D 185 -8.12 22.07 36.31
CA ASP D 185 -6.91 22.69 36.81
C ASP D 185 -5.66 22.09 36.18
N PHE D 186 -5.61 22.03 34.85
CA PHE D 186 -4.60 21.20 34.22
C PHE D 186 -3.35 22.02 33.91
N ILE D 187 -3.40 23.34 34.12
CA ILE D 187 -2.19 24.13 34.29
C ILE D 187 -2.26 24.86 35.63
N PHE D 188 -1.42 24.48 36.59
CA PHE D 188 -1.52 25.05 37.94
C PHE D 188 -0.16 25.17 38.62
N GLY D 189 -0.15 25.92 39.72
CA GLY D 189 1.07 26.20 40.47
C GLY D 189 1.28 27.70 40.72
N GLY D 190 2.42 28.04 41.33
CA GLY D 190 2.71 29.42 41.66
C GLY D 190 3.78 30.06 40.77
N ALA D 191 4.20 29.35 39.71
CA ALA D 191 5.27 29.80 38.83
C ALA D 191 4.89 31.10 38.11
N ASN D 192 5.94 31.87 37.78
CA ASN D 192 5.87 32.86 36.72
C ASN D 192 6.08 32.11 35.40
N ALA D 193 5.07 32.12 34.54
CA ALA D 193 5.10 31.25 33.38
C ALA D 193 4.52 31.98 32.18
N VAL D 194 5.11 31.73 31.01
CA VAL D 194 4.54 32.21 29.76
C VAL D 194 4.24 31.02 28.86
N PHE D 195 3.02 30.96 28.35
CA PHE D 195 2.66 30.06 27.28
C PHE D 195 2.55 30.88 25.99
N LYS D 196 3.38 30.52 25.00
CA LYS D 196 3.49 31.29 23.77
C LYS D 196 3.14 30.39 22.59
N ASN D 197 2.06 30.74 21.88
CA ASN D 197 1.66 30.06 20.67
C ASN D 197 1.35 28.59 20.97
N CYS D 198 0.67 28.35 22.10
CA CYS D 198 0.34 27.00 22.51
C CYS D 198 -1.11 26.69 22.16
N THR D 199 -1.38 25.39 21.98
CA THR D 199 -2.73 24.91 21.81
C THR D 199 -3.16 24.32 23.16
N ILE D 200 -4.25 24.84 23.72
CA ILE D 200 -4.69 24.45 25.05
C ILE D 200 -6.02 23.72 24.88
N VAL D 201 -6.01 22.41 25.14
CA VAL D 201 -7.13 21.52 24.78
C VAL D 201 -7.90 21.14 26.03
N SER D 202 -9.16 21.60 26.14
CA SER D 202 -10.08 21.16 27.17
C SER D 202 -10.76 19.84 26.78
N LEU D 203 -10.59 18.80 27.62
CA LEU D 203 -11.12 17.47 27.35
C LEU D 203 -12.48 17.29 28.03
N TYR D 204 -13.41 16.75 27.24
CA TYR D 204 -14.78 16.49 27.65
C TYR D 204 -14.78 15.47 28.79
N ARG D 205 -15.64 15.73 29.78
CA ARG D 205 -15.84 14.85 30.91
C ARG D 205 -17.25 14.32 30.79
N ALA D 206 -17.35 13.03 30.43
CA ALA D 206 -18.62 12.43 30.08
C ALA D 206 -19.39 12.09 31.36
N PRO D 207 -20.74 12.07 31.32
CA PRO D 207 -21.53 11.54 32.41
C PRO D 207 -21.04 10.14 32.80
N LEU D 208 -20.92 9.90 34.10
CA LEU D 208 -20.48 8.62 34.59
C LEU D 208 -21.68 7.78 34.99
N ILE D 209 -21.64 6.51 34.56
CA ILE D 209 -22.62 5.51 34.91
C ILE D 209 -22.51 5.27 36.42
N ASP D 210 -23.66 5.19 37.07
CA ASP D 210 -23.76 4.80 38.47
C ASP D 210 -23.83 3.27 38.51
N LYS D 211 -22.76 2.67 39.06
CA LYS D 211 -22.50 1.25 38.94
C LYS D 211 -23.53 0.44 39.72
N ASN D 212 -24.16 1.06 40.72
CA ASN D 212 -25.17 0.39 41.53
C ASN D 212 -26.53 0.47 40.85
N THR D 213 -26.62 1.17 39.71
CA THR D 213 -27.86 1.25 38.96
C THR D 213 -27.80 0.37 37.71
N ILE D 214 -26.70 -0.36 37.50
CA ILE D 214 -26.56 -1.17 36.30
C ILE D 214 -27.41 -2.42 36.47
N SER D 215 -28.32 -2.62 35.53
CA SER D 215 -28.98 -3.89 35.31
C SER D 215 -28.52 -4.41 33.94
N LYS D 216 -29.15 -5.49 33.47
CA LYS D 216 -28.80 -6.09 32.19
C LYS D 216 -29.77 -5.61 31.12
N GLU D 217 -31.05 -5.38 31.45
CA GLU D 217 -32.05 -5.05 30.44
C GLU D 217 -32.77 -3.72 30.73
N LYS D 218 -32.20 -2.89 31.60
CA LYS D 218 -32.77 -1.58 31.88
C LYS D 218 -31.64 -0.55 32.00
N ALA D 219 -31.94 0.68 31.55
CA ALA D 219 -30.96 1.76 31.55
C ALA D 219 -30.48 2.04 32.96
N ALA D 220 -29.17 2.32 33.10
CA ALA D 220 -28.62 2.80 34.34
C ALA D 220 -28.90 4.29 34.49
N ASP D 221 -28.49 4.83 35.64
CA ASP D 221 -28.50 6.27 35.90
C ASP D 221 -27.09 6.82 35.73
N TYR D 222 -26.98 8.14 35.48
CA TYR D 222 -25.70 8.78 35.19
C TYR D 222 -25.57 10.10 35.95
N THR D 223 -24.36 10.39 36.43
CA THR D 223 -24.03 11.65 37.07
C THR D 223 -23.43 12.60 36.04
N ASP D 224 -24.19 13.64 35.65
CA ASP D 224 -23.72 14.72 34.80
C ASP D 224 -22.71 15.60 35.53
N VAL D 225 -22.03 16.45 34.76
CA VAL D 225 -20.98 17.31 35.27
C VAL D 225 -21.46 18.75 35.11
N PRO D 226 -21.50 19.56 36.18
CA PRO D 226 -22.02 20.93 36.08
C PRO D 226 -21.11 21.73 35.15
N VAL D 227 -19.81 21.69 35.45
CA VAL D 227 -18.84 22.46 34.72
C VAL D 227 -17.81 21.48 34.13
N GLN D 228 -17.46 21.72 32.86
CA GLN D 228 -16.62 20.78 32.13
C GLN D 228 -15.19 20.87 32.62
N GLY D 229 -14.73 22.08 32.94
CA GLY D 229 -13.39 22.22 33.50
C GLY D 229 -12.95 23.66 33.73
N PHE D 230 -11.73 23.77 34.24
CA PHE D 230 -11.02 25.03 34.41
C PHE D 230 -9.59 24.79 33.92
N VAL D 231 -9.12 25.63 33.00
CA VAL D 231 -7.85 25.41 32.36
C VAL D 231 -6.71 25.69 33.33
N CYS D 232 -6.79 26.86 33.97
CA CYS D 232 -5.66 27.37 34.73
C CYS D 232 -6.04 27.67 36.19
N ALA D 233 -5.28 27.09 37.13
CA ALA D 233 -5.52 27.29 38.56
C ALA D 233 -4.24 27.76 39.25
N PRO D 234 -3.90 29.06 39.18
CA PRO D 234 -2.67 29.59 39.79
C PRO D 234 -2.78 29.86 41.30
N CYS D 235 -1.64 29.77 42.01
CA CYS D 235 -1.52 30.18 43.41
C CYS D 235 -0.42 31.22 43.55
N THR D 236 -0.38 32.09 42.55
CA THR D 236 0.60 33.15 42.43
C THR D 236 0.70 34.00 43.71
N PRO D 237 1.92 34.11 44.31
CA PRO D 237 2.21 35.15 45.31
C PRO D 237 1.95 36.57 44.84
N GLU D 238 1.69 37.43 45.84
CA GLU D 238 1.10 38.75 45.68
C GLU D 238 1.87 39.60 44.66
N ASP D 239 3.20 39.51 44.70
CA ASP D 239 4.04 40.46 44.00
C ASP D 239 4.34 39.95 42.58
N GLU D 240 4.28 38.63 42.36
CA GLU D 240 4.79 38.03 41.12
C GLU D 240 3.77 38.17 39.99
N PRO D 241 4.22 38.22 38.71
CA PRO D 241 3.31 38.33 37.57
C PRO D 241 2.49 37.06 37.29
N GLY D 242 3.06 35.90 37.57
CA GLY D 242 2.31 34.65 37.45
C GLY D 242 2.18 34.18 36.00
N ILE D 243 1.00 33.66 35.65
CA ILE D 243 0.81 32.89 34.42
C ILE D 243 0.23 33.78 33.32
N ARG D 244 0.91 33.78 32.16
CA ARG D 244 0.49 34.56 31.01
CA ARG D 244 0.49 34.56 31.00
C ARG D 244 0.39 33.65 29.77
N PHE D 245 -0.78 33.67 29.12
CA PHE D 245 -0.98 32.95 27.86
C PHE D 245 -0.97 33.98 26.74
N ILE D 246 -0.12 33.75 25.73
CA ILE D 246 0.03 34.74 24.67
C ILE D 246 -0.12 34.04 23.32
N ASP D 247 -1.02 34.56 22.49
CA ASP D 247 -1.24 34.04 21.15
C ASP D 247 -1.51 32.54 21.21
N CYS D 248 -2.30 32.12 22.21
CA CYS D 248 -2.63 30.72 22.41
C CYS D 248 -4.03 30.44 21.87
N ARG D 249 -4.27 29.22 21.39
CA ARG D 249 -5.58 28.76 20.96
C ARG D 249 -6.17 27.84 22.02
N PHE D 250 -7.42 28.07 22.44
CA PHE D 250 -8.09 27.18 23.36
C PHE D 250 -9.18 26.42 22.63
N ILE D 251 -9.02 25.09 22.54
CA ILE D 251 -9.91 24.23 21.75
C ILE D 251 -10.35 23.06 22.61
N THR D 252 -11.29 22.25 22.10
CA THR D 252 -11.78 21.09 22.82
C THR D 252 -11.94 19.90 21.87
N ASP D 253 -12.05 18.72 22.45
CA ASP D 253 -12.40 17.53 21.69
C ASP D 253 -13.90 17.57 21.42
N ARG D 254 -14.72 17.67 22.48
CA ARG D 254 -16.16 17.65 22.29
C ARG D 254 -16.93 18.27 23.46
N CYS D 255 -16.31 19.17 24.23
CA CYS D 255 -17.00 19.84 25.32
C CYS D 255 -18.14 20.66 24.73
N PRO D 256 -19.30 20.73 25.42
CA PRO D 256 -20.39 21.60 24.97
C PRO D 256 -20.13 23.08 25.20
N ASP D 257 -20.93 23.92 24.52
CA ASP D 257 -20.69 25.35 24.49
C ASP D 257 -20.76 25.91 25.91
N SER D 258 -19.85 26.85 26.20
CA SER D 258 -19.91 27.64 27.41
C SER D 258 -19.85 26.77 28.67
N SER D 259 -19.02 25.72 28.65
CA SER D 259 -18.96 24.77 29.75
C SER D 259 -17.61 24.83 30.46
N VAL D 260 -16.67 25.65 29.96
CA VAL D 260 -15.30 25.63 30.43
C VAL D 260 -14.87 27.06 30.77
N TYR D 261 -14.22 27.19 31.92
CA TYR D 261 -13.64 28.45 32.38
C TYR D 261 -12.14 28.45 32.09
N LEU D 262 -11.59 29.63 31.79
CA LEU D 262 -10.16 29.76 31.53
C LEU D 262 -9.37 29.58 32.83
N ALA D 263 -9.93 30.03 33.95
CA ALA D 263 -9.14 30.09 35.18
C ALA D 263 -10.04 30.18 36.41
N ARG D 264 -9.59 29.55 37.49
CA ARG D 264 -10.12 29.83 38.81
C ARG D 264 -8.93 29.88 39.77
N PRO D 265 -9.01 30.75 40.81
CA PRO D 265 -7.86 31.00 41.68
C PRO D 265 -7.70 29.90 42.73
N TRP D 266 -6.64 29.09 42.57
CA TRP D 266 -6.35 28.01 43.50
C TRP D 266 -6.08 28.58 44.88
N ARG D 267 -5.37 29.73 44.92
CA ARG D 267 -5.20 30.57 46.10
C ARG D 267 -5.67 31.99 45.75
N GLU D 268 -6.10 32.72 46.81
CA GLU D 268 -6.83 33.98 46.74
C GLU D 268 -6.29 34.90 45.65
N LYS D 269 -4.96 35.04 45.56
CA LYS D 269 -4.35 36.08 44.74
C LYS D 269 -3.67 35.52 43.49
N GLY D 270 -4.13 34.36 43.00
CA GLY D 270 -3.60 33.78 41.77
C GLY D 270 -3.76 34.70 40.55
N ALA D 271 -2.81 34.61 39.63
CA ALA D 271 -2.78 35.51 38.49
C ALA D 271 -2.70 34.71 37.19
N ALA D 272 -3.56 35.04 36.22
CA ALA D 272 -3.54 34.43 34.90
C ALA D 272 -4.05 35.45 33.88
N SER D 273 -3.26 35.75 32.85
CA SER D 273 -3.68 36.70 31.82
C SER D 273 -3.65 36.02 30.45
N PHE D 274 -4.55 36.48 29.57
CA PHE D 274 -4.69 35.89 28.25
C PHE D 274 -4.59 37.03 27.24
N GLU D 275 -3.49 37.05 26.47
CA GLU D 275 -3.20 38.16 25.58
CA GLU D 275 -3.23 38.16 25.57
C GLU D 275 -3.30 37.65 24.14
N ASN D 276 -4.24 38.22 23.39
CA ASN D 276 -4.44 37.92 21.98
C ASN D 276 -4.66 36.43 21.77
N CYS D 277 -5.47 35.83 22.64
CA CYS D 277 -5.71 34.40 22.59
C CYS D 277 -7.00 34.22 21.80
N SER D 278 -7.20 33.03 21.23
CA SER D 278 -8.48 32.73 20.61
C SER D 278 -9.18 31.60 21.37
N PHE D 279 -10.48 31.78 21.61
CA PHE D 279 -11.26 30.89 22.46
C PHE D 279 -12.32 30.21 21.60
N GLY D 280 -12.31 28.87 21.59
CA GLY D 280 -13.42 28.11 21.03
C GLY D 280 -14.68 28.31 21.84
N SER D 281 -15.82 27.91 21.28
CA SER D 281 -17.11 28.24 21.88
C SER D 281 -17.41 27.38 23.12
N HIS D 282 -16.50 26.49 23.50
CA HIS D 282 -16.64 25.77 24.76
C HIS D 282 -16.32 26.68 25.94
N ILE D 283 -15.62 27.80 25.67
CA ILE D 283 -15.19 28.70 26.72
C ILE D 283 -16.36 29.59 27.09
N HIS D 284 -16.66 29.62 28.41
CA HIS D 284 -17.73 30.42 28.96
C HIS D 284 -17.43 31.91 28.73
N PRO D 285 -18.41 32.72 28.28
CA PRO D 285 -18.14 34.12 27.97
C PRO D 285 -17.71 34.97 29.17
N ASP D 286 -17.96 34.48 30.40
CA ASP D 286 -17.51 35.12 31.64
C ASP D 286 -16.02 34.87 31.88
N LEU D 287 -15.46 33.82 31.25
CA LEU D 287 -14.03 33.54 31.20
C LEU D 287 -13.54 32.93 32.50
N PHE D 288 -13.84 33.59 33.63
CA PHE D 288 -13.20 33.25 34.89
C PHE D 288 -14.22 32.82 35.92
N ALA D 289 -13.80 31.84 36.72
CA ALA D 289 -14.63 31.26 37.77
C ALA D 289 -14.01 31.56 39.13
N GLY D 290 -14.87 31.78 40.12
CA GLY D 290 -14.42 31.76 41.50
C GLY D 290 -14.04 30.34 41.94
N TRP D 291 -13.36 30.24 43.09
CA TRP D 291 -12.98 28.97 43.67
C TRP D 291 -14.09 28.43 44.57
N LYS D 292 -14.50 29.24 45.56
CA LYS D 292 -15.58 28.90 46.47
C LYS D 292 -16.88 28.74 45.69
N ASP D 293 -17.15 29.73 44.84
CA ASP D 293 -18.40 29.87 44.10
C ASP D 293 -18.05 30.27 42.67
N ILE D 294 -18.33 29.36 41.72
CA ILE D 294 -18.05 29.57 40.31
C ILE D 294 -18.55 30.94 39.82
N TYR D 295 -19.64 31.46 40.42
CA TYR D 295 -20.33 32.64 39.91
C TYR D 295 -19.94 33.90 40.68
N ASP D 296 -18.97 33.78 41.60
CA ASP D 296 -18.51 34.89 42.43
C ASP D 296 -16.99 34.83 42.51
N LEU D 297 -16.32 35.58 41.63
CA LEU D 297 -14.87 35.56 41.56
C LEU D 297 -14.31 36.40 42.69
N GLU D 298 -13.48 35.77 43.54
CA GLU D 298 -12.90 36.48 44.68
C GLU D 298 -12.15 37.69 44.12
N LYS D 299 -12.35 38.84 44.77
CA LYS D 299 -12.00 40.13 44.20
C LYS D 299 -10.48 40.31 44.20
N THR D 300 -9.76 39.42 44.89
CA THR D 300 -8.30 39.48 45.02
C THR D 300 -7.60 38.75 43.87
N ALA D 301 -8.36 38.04 43.03
CA ALA D 301 -7.77 37.35 41.90
C ALA D 301 -7.29 38.36 40.86
N ARG D 302 -6.25 37.99 40.12
CA ARG D 302 -5.70 38.82 39.07
C ARG D 302 -5.84 38.13 37.72
N PHE D 303 -7.05 38.20 37.16
CA PHE D 303 -7.39 37.55 35.90
C PHE D 303 -7.72 38.63 34.87
N LYS D 304 -7.08 38.60 33.69
CA LYS D 304 -7.40 39.59 32.67
C LYS D 304 -7.32 38.95 31.28
N ASN D 305 -8.08 39.53 30.35
CA ASN D 305 -8.08 39.12 28.96
C ASN D 305 -7.83 40.36 28.11
N LEU D 306 -6.68 40.44 27.45
CA LEU D 306 -6.25 41.61 26.71
C LEU D 306 -6.40 41.43 25.19
CL CL E . -5.90 -8.07 2.77
C1 EDO F . -1.30 14.66 16.88
O1 EDO F . -0.80 13.32 16.99
C2 EDO F . -0.90 15.71 17.88
O2 EDO F . 0.14 16.60 17.46
C1 EDO G . -17.76 10.47 6.66
O1 EDO G . -17.65 11.89 6.77
C2 EDO G . -17.40 9.70 7.88
O2 EDO G . -18.26 9.89 9.01
C1 EDO H . -9.48 4.50 35.30
O1 EDO H . -9.63 5.57 34.40
C2 EDO H . -8.26 3.70 35.09
O2 EDO H . -8.18 2.58 35.94
C1 EDO I . -16.46 -8.58 23.11
O1 EDO I . -17.33 -7.52 23.35
C2 EDO I . -15.66 -8.87 24.32
O2 EDO I . -15.22 -10.20 24.34
C1 EDO J . -23.10 -10.34 22.84
O1 EDO J . -24.25 -9.95 23.54
C2 EDO J . -22.03 -10.98 23.66
O2 EDO J . -21.32 -12.02 22.98
CL CL K . -16.66 -26.28 -32.99
C1 EDO L . 3.59 -30.72 -26.35
O1 EDO L . 4.83 -30.50 -27.02
C2 EDO L . 3.59 -32.00 -25.59
O2 EDO L . 4.11 -31.86 -24.29
C1 EDO M . 2.27 -19.07 -49.81
O1 EDO M . 0.86 -19.19 -50.04
C2 EDO M . 2.95 -20.40 -49.69
O2 EDO M . 4.20 -20.53 -50.35
C1 EDO N . -0.62 -15.31 -45.16
O1 EDO N . -0.61 -14.40 -46.27
C2 EDO N . 0.43 -16.40 -45.17
O2 EDO N . 1.62 -16.18 -44.41
C1 EDO O . -7.70 -5.65 -24.41
O1 EDO O . -8.87 -5.23 -23.70
C2 EDO O . -7.42 -5.01 -25.77
O2 EDO O . -6.06 -5.26 -26.30
C1 EDO P . -2.60 11.51 -18.03
O1 EDO P . -2.88 12.89 -17.91
C2 EDO P . -1.17 11.28 -18.31
O2 EDO P . -0.79 11.71 -19.61
C1 EDO Q . 14.66 13.73 -10.31
O1 EDO Q . 13.50 14.49 -10.60
C2 EDO Q . 15.64 13.76 -11.41
O2 EDO Q . 16.90 13.30 -10.99
C1 EDO R . 20.75 3.65 -21.35
O1 EDO R . 20.58 3.50 -22.77
C2 EDO R . 21.35 2.48 -20.62
O2 EDO R . 22.61 1.99 -21.12
C1 EDO S . 20.41 6.77 -24.33
O1 EDO S . 20.18 8.00 -25.01
C2 EDO S . 21.75 6.67 -23.68
O2 EDO S . 21.90 7.49 -22.52
C1 EDO T . 9.79 4.39 -1.34
O1 EDO T . 8.62 4.60 -0.59
C2 EDO T . 10.85 3.60 -0.66
O2 EDO T . 10.41 2.75 0.36
C1 EDO U . 11.25 -4.87 -33.36
O1 EDO U . 10.22 -3.89 -33.50
C2 EDO U . 10.78 -6.28 -33.16
O2 EDO U . 11.59 -7.27 -33.82
C1 EDO V . -4.93 21.64 48.66
O1 EDO V . -4.39 22.83 48.10
C2 EDO V . -3.90 20.69 49.16
O2 EDO V . -4.07 20.32 50.51
C1 EDO W . 13.03 29.90 31.45
O1 EDO W . 14.35 30.41 31.40
C2 EDO W . 12.01 30.92 31.15
O2 EDO W . 12.44 31.90 30.22
#